data_4JLC
#
_entry.id   4JLC
#
_cell.length_a   140.480
_cell.length_b   140.480
_cell.length_c   86.560
_cell.angle_alpha   90.00
_cell.angle_beta   90.00
_cell.angle_gamma   120.00
#
_symmetry.space_group_name_H-M   'P 32 2 1'
#
loop_
_entity.id
_entity.type
_entity.pdbx_description
1 polymer 'Serine/threonine-protein kinase TBK1'
2 non-polymer '3-{2,4-dimethyl-5-[(Z)-(2-oxo-1,2-dihydro-3H-indol-3-ylidene)methyl]-1H-pyrrol-3-yl}propanoic acid'
#
_entity_poly.entity_id   1
_entity_poly.type   'polypeptide(L)'
_entity_poly.pdbx_seq_one_letter_code
;ICQSTSNHLWLLSDILGQGATANVFRGRHKKTGDLYAVKVFNNISFLRPVDVQMREFEVLKKLNHKNIVKLFAIEEETTT
RHKVLIMEFCPCGSLYTVLEEPSNAYGLPESEFLIVLRDVVGGMNHLRENGIVHRDIKPGNIMRVIGEDGQSVYKLTDFG
AARELEDDEQFVSLYGTEEYLHPDMYERAVLRKDHQKKYGATVDLWSVGVTFYHAATGSLPFRPFEGPRRNKEVMYKIIT
GKPSGAISGVQKAENGPIDWSGDMPLSCSLSQGLQALLTPVLANILEADQEKCWGFDQFFAETSDVLHRMVIHVFSLQHM
TAHKIYIHSYNTAAVFHELVYKQTKIVSSNQELIYEGRRLVLELGRLAQHFPKTTEENPIFVTSREQLNTVGLRYEKISL
PKIHPRYDLDGDASMAKAVTGVVCYACRTASTLLLYQELMRKGVRWLVELVKDDYNETVHKKTEVVITLDFCIRNIEKTV
KVYEKLMKVNLEAAELGEISDIHTKLLRLSSSQGTIESSLQDISSRLSPGGLLADTWAHQEGTHPRDRNVEKLQVLLNCI
TEIYYQFKKDKAERRLAYNEEQIHKFDKQKLYYHATKAMSHFSEECVRKYEAFKDKSEEWMRKMLHLRKQLLSLTNQCFD
IEEEVSKYQDYTNELQE
;
_entity_poly.pdbx_strand_id   A
#
loop_
_chem_comp.id
_chem_comp.type
_chem_comp.name
_chem_comp.formula
SU6 non-polymer '3-{2,4-dimethyl-5-[(Z)-(2-oxo-1,2-dihydro-3H-indol-3-ylidene)methyl]-1H-pyrrol-3-yl}propanoic acid' 'C18 H18 N2 O3'
#
# COMPACT_ATOMS: atom_id res chain seq x y z
N ILE A 1 27.12 -39.32 -1.89
CA ILE A 1 28.26 -38.61 -1.33
C ILE A 1 27.84 -37.55 -0.31
N CYS A 2 28.16 -37.81 0.96
CA CYS A 2 27.67 -36.96 2.05
C CYS A 2 28.72 -36.66 3.13
N GLN A 3 28.55 -35.52 3.79
CA GLN A 3 29.35 -35.18 4.97
C GLN A 3 28.53 -35.40 6.24
N SER A 4 29.21 -35.51 7.37
CA SER A 4 28.56 -35.90 8.62
C SER A 4 29.19 -35.28 9.87
N THR A 5 28.41 -35.27 10.95
CA THR A 5 28.92 -34.94 12.27
C THR A 5 28.50 -36.03 13.24
N SER A 6 28.41 -35.69 14.51
CA SER A 6 27.95 -36.63 15.52
C SER A 6 26.44 -36.82 15.40
N ASN A 7 25.73 -35.71 15.21
CA ASN A 7 24.27 -35.74 15.21
C ASN A 7 23.63 -35.26 13.91
N HIS A 8 24.44 -34.85 12.95
CA HIS A 8 23.91 -34.32 11.69
C HIS A 8 24.56 -34.94 10.45
N LEU A 9 23.87 -34.81 9.32
CA LEU A 9 24.36 -35.38 8.06
C LEU A 9 23.76 -34.63 6.88
N TRP A 10 24.55 -34.49 5.80
CA TRP A 10 24.06 -33.76 4.63
C TRP A 10 24.75 -34.16 3.32
N LEU A 11 23.98 -34.15 2.24
CA LEU A 11 24.52 -34.42 0.91
C LEU A 11 25.19 -33.18 0.34
N LEU A 12 26.19 -33.39 -0.51
CA LEU A 12 26.87 -32.28 -1.17
C LEU A 12 25.95 -31.64 -2.22
N SER A 13 25.01 -32.43 -2.72
CA SER A 13 24.02 -31.92 -3.67
C SER A 13 23.01 -31.03 -2.97
N ASP A 14 22.82 -31.24 -1.67
CA ASP A 14 21.85 -30.43 -0.92
C ASP A 14 22.44 -29.08 -0.50
N ILE A 15 23.20 -28.47 -1.39
CA ILE A 15 23.83 -27.18 -1.12
C ILE A 15 22.79 -26.05 -1.18
N LEU A 16 23.01 -25.00 -0.39
CA LEU A 16 22.11 -23.86 -0.37
C LEU A 16 22.79 -22.56 -0.82
N GLY A 17 22.95 -21.63 0.11
CA GLY A 17 23.46 -20.30 -0.19
C GLY A 17 24.80 -20.25 -0.91
N GLN A 18 25.74 -21.09 -0.47
CA GLN A 18 27.06 -21.19 -1.09
C GLN A 18 27.83 -19.87 -1.01
N GLY A 19 28.65 -19.73 0.02
CA GLY A 19 29.46 -18.54 0.20
C GLY A 19 30.91 -18.79 -0.15
N ALA A 20 31.78 -17.82 0.16
CA ALA A 20 33.19 -17.94 -0.12
C ALA A 20 33.95 -18.48 1.09
N THR A 21 33.78 -17.79 2.22
CA THR A 21 34.46 -18.17 3.46
C THR A 21 33.91 -19.47 4.03
N ALA A 22 32.75 -19.90 3.52
CA ALA A 22 32.13 -21.14 3.97
C ALA A 22 31.03 -21.57 3.00
N ASN A 23 30.32 -22.64 3.35
CA ASN A 23 29.17 -23.08 2.58
C ASN A 23 28.01 -23.53 3.47
N VAL A 24 26.79 -23.36 2.97
CA VAL A 24 25.60 -23.78 3.72
C VAL A 24 24.80 -24.84 2.95
N PHE A 25 24.47 -25.93 3.64
CA PHE A 25 23.78 -27.07 3.05
C PHE A 25 22.48 -27.37 3.77
N ARG A 26 21.57 -28.05 3.09
CA ARG A 26 20.38 -28.57 3.72
C ARG A 26 20.70 -29.95 4.31
N GLY A 27 20.70 -30.05 5.63
CA GLY A 27 21.04 -31.29 6.30
C GLY A 27 20.00 -31.75 7.31
N ARG A 28 20.19 -32.94 7.87
CA ARG A 28 19.26 -33.47 8.85
C ARG A 28 19.94 -33.90 10.14
N HIS A 29 19.20 -33.81 11.23
CA HIS A 29 19.64 -34.38 12.50
C HIS A 29 19.42 -35.88 12.42
N LYS A 30 20.49 -36.65 12.62
CA LYS A 30 20.46 -38.09 12.34
C LYS A 30 19.54 -38.90 13.25
N LYS A 31 19.17 -38.34 14.40
CA LYS A 31 18.30 -39.03 15.34
C LYS A 31 16.83 -38.75 15.09
N THR A 32 16.51 -37.49 14.78
CA THR A 32 15.13 -37.06 14.63
C THR A 32 14.70 -37.00 13.18
N GLY A 33 15.63 -36.64 12.29
CA GLY A 33 15.33 -36.52 10.88
C GLY A 33 14.87 -35.12 10.53
N ASP A 34 14.86 -34.25 11.53
CA ASP A 34 14.46 -32.87 11.35
C ASP A 34 15.40 -32.14 10.39
N LEU A 35 14.93 -31.06 9.80
CA LEU A 35 15.71 -30.32 8.82
C LEU A 35 16.43 -29.13 9.44
N TYR A 36 17.73 -29.03 9.20
CA TYR A 36 18.53 -27.89 9.65
C TYR A 36 19.49 -27.45 8.56
N ALA A 37 19.80 -26.16 8.53
CA ALA A 37 20.82 -25.64 7.64
C ALA A 37 22.18 -25.77 8.32
N VAL A 38 23.11 -26.50 7.69
CA VAL A 38 24.44 -26.62 8.26
C VAL A 38 25.45 -25.73 7.55
N LYS A 39 26.40 -25.18 8.29
CA LYS A 39 27.40 -24.29 7.69
C LYS A 39 28.82 -24.84 7.86
N VAL A 40 29.32 -25.51 6.82
CA VAL A 40 30.69 -26.00 6.83
C VAL A 40 31.66 -24.87 6.52
N PHE A 41 32.64 -24.68 7.40
CA PHE A 41 33.62 -23.61 7.28
C PHE A 41 34.73 -23.97 6.31
N ASN A 42 34.37 -24.11 5.04
CA ASN A 42 35.25 -24.53 3.93
C ASN A 42 36.55 -25.28 4.29
N ASN A 43 37.67 -24.85 3.73
CA ASN A 43 38.94 -25.55 3.95
C ASN A 43 40.09 -24.70 4.49
N ILE A 44 39.78 -23.81 5.42
CA ILE A 44 40.81 -23.07 6.16
C ILE A 44 40.38 -23.00 7.62
N SER A 45 39.87 -21.84 8.02
CA SER A 45 39.17 -21.67 9.29
C SER A 45 39.98 -22.00 10.54
N PHE A 46 39.72 -23.18 11.09
CA PHE A 46 40.11 -23.53 12.46
C PHE A 46 41.61 -23.58 12.78
N LEU A 47 42.03 -22.60 13.59
CA LEU A 47 43.32 -22.62 14.30
C LEU A 47 43.13 -21.75 15.53
N ARG A 48 41.86 -21.55 15.89
CA ARG A 48 41.44 -20.66 16.96
C ARG A 48 41.01 -21.48 18.17
N PRO A 49 41.34 -21.01 19.39
CA PRO A 49 41.10 -21.82 20.61
C PRO A 49 39.64 -22.16 20.87
N VAL A 50 39.40 -23.19 21.68
CA VAL A 50 38.04 -23.62 22.01
C VAL A 50 37.36 -22.63 22.95
N ASP A 51 38.16 -21.88 23.70
CA ASP A 51 37.65 -20.90 24.66
C ASP A 51 36.85 -19.80 23.96
N VAL A 52 37.45 -19.19 22.93
CA VAL A 52 36.80 -18.15 22.14
C VAL A 52 35.55 -18.68 21.43
N GLN A 53 35.65 -19.89 20.89
CA GLN A 53 34.54 -20.49 20.17
C GLN A 53 33.37 -20.84 21.08
N MET A 54 33.69 -21.14 22.34
CA MET A 54 32.66 -21.46 23.33
C MET A 54 32.05 -20.20 23.94
N ARG A 55 32.84 -19.13 24.04
CA ARG A 55 32.32 -17.85 24.52
C ARG A 55 31.43 -17.23 23.45
N GLU A 56 31.77 -17.47 22.19
CA GLU A 56 30.97 -16.99 21.07
C GLU A 56 29.74 -17.86 20.89
N PHE A 57 29.90 -19.15 21.16
CA PHE A 57 28.80 -20.11 21.20
C PHE A 57 27.78 -19.61 22.21
N GLU A 58 28.26 -19.38 23.43
CA GLU A 58 27.45 -18.92 24.55
C GLU A 58 26.76 -17.59 24.27
N VAL A 59 27.52 -16.62 23.75
CA VAL A 59 26.96 -15.30 23.48
C VAL A 59 25.98 -15.34 22.31
N LEU A 60 26.12 -16.36 21.46
CA LEU A 60 25.22 -16.49 20.31
C LEU A 60 23.96 -17.28 20.64
N LYS A 61 24.00 -18.07 21.72
CA LYS A 61 22.79 -18.77 22.15
C LYS A 61 21.85 -17.86 22.94
N LYS A 62 22.38 -16.73 23.43
CA LYS A 62 21.56 -15.74 24.10
C LYS A 62 20.65 -15.07 23.07
N LEU A 63 21.04 -15.18 21.81
CA LEU A 63 20.24 -14.68 20.70
C LEU A 63 19.02 -15.58 20.48
N ASN A 64 18.00 -15.39 21.31
CA ASN A 64 16.73 -16.08 21.14
C ASN A 64 15.62 -15.08 20.78
N HIS A 65 15.47 -14.83 19.48
CA HIS A 65 14.53 -13.81 19.02
C HIS A 65 13.81 -14.25 17.74
N LYS A 66 12.67 -13.62 17.48
CA LYS A 66 11.83 -13.95 16.33
C LYS A 66 12.48 -13.61 14.99
N ASN A 67 13.27 -12.54 14.98
CA ASN A 67 13.84 -12.03 13.74
C ASN A 67 15.32 -12.37 13.56
N ILE A 68 15.81 -13.33 14.35
CA ILE A 68 17.17 -13.82 14.21
C ILE A 68 17.16 -15.34 14.06
N VAL A 69 17.84 -15.86 13.03
CA VAL A 69 17.90 -17.31 12.83
C VAL A 69 18.53 -18.00 14.03
N LYS A 70 17.88 -19.05 14.52
CA LYS A 70 18.39 -19.77 15.69
C LYS A 70 19.65 -20.54 15.36
N LEU A 71 20.58 -20.59 16.32
CA LEU A 71 21.80 -21.37 16.18
C LEU A 71 21.72 -22.56 17.13
N PHE A 72 21.48 -23.74 16.58
CA PHE A 72 21.26 -24.91 17.41
C PHE A 72 22.54 -25.52 17.97
N ALA A 73 23.60 -25.55 17.17
CA ALA A 73 24.84 -26.15 17.68
C ALA A 73 26.12 -25.71 16.97
N ILE A 74 27.25 -25.99 17.61
CA ILE A 74 28.53 -25.98 16.93
C ILE A 74 29.06 -27.41 16.95
N GLU A 75 29.45 -27.91 15.78
CA GLU A 75 29.88 -29.29 15.69
C GLU A 75 31.08 -29.47 14.76
N GLU A 76 31.50 -30.71 14.60
CA GLU A 76 32.70 -31.01 13.85
C GLU A 76 32.46 -32.08 12.79
N GLU A 77 32.96 -31.83 11.58
CA GLU A 77 32.86 -32.81 10.50
C GLU A 77 33.61 -34.07 10.89
N THR A 78 33.03 -35.23 10.58
CA THR A 78 33.57 -36.51 11.00
C THR A 78 34.98 -36.81 10.47
N THR A 79 35.11 -36.92 9.15
CA THR A 79 36.37 -37.33 8.54
C THR A 79 37.17 -36.16 7.95
N THR A 80 36.97 -34.96 8.50
CA THR A 80 37.67 -33.78 8.01
C THR A 80 37.96 -32.79 9.14
N ARG A 81 37.16 -32.86 10.20
CA ARG A 81 37.40 -32.08 11.41
C ARG A 81 37.54 -30.57 11.20
N HIS A 82 36.78 -30.01 10.25
CA HIS A 82 36.67 -28.56 10.10
C HIS A 82 35.25 -28.07 10.40
N LYS A 83 35.14 -27.04 11.21
CA LYS A 83 33.90 -26.67 11.91
C LYS A 83 32.62 -26.57 11.07
N VAL A 84 31.53 -27.02 11.68
CA VAL A 84 30.21 -26.88 11.08
C VAL A 84 29.25 -26.21 12.06
N LEU A 85 28.37 -25.36 11.53
CA LEU A 85 27.45 -24.59 12.36
C LEU A 85 26.01 -25.02 12.12
N ILE A 86 25.38 -25.57 13.15
CA ILE A 86 24.02 -26.10 13.04
C ILE A 86 22.97 -25.02 13.32
N MET A 87 22.28 -24.61 12.25
CA MET A 87 21.33 -23.50 12.32
C MET A 87 19.96 -23.86 11.75
N GLU A 88 19.01 -22.95 11.95
CA GLU A 88 17.62 -23.17 11.55
C GLU A 88 17.40 -23.14 10.04
N PHE A 89 16.71 -24.15 9.51
CA PHE A 89 16.43 -24.22 8.09
C PHE A 89 15.24 -23.35 7.71
N CYS A 90 15.39 -22.58 6.65
CA CYS A 90 14.33 -21.69 6.18
C CYS A 90 13.94 -22.04 4.76
N PRO A 91 12.99 -22.97 4.61
CA PRO A 91 12.60 -23.58 3.32
C PRO A 91 12.14 -22.57 2.27
N CYS A 92 11.61 -21.42 2.69
CA CYS A 92 11.06 -20.44 1.77
C CYS A 92 12.14 -19.63 1.05
N GLY A 93 13.37 -19.72 1.53
CA GLY A 93 14.45 -18.95 0.96
C GLY A 93 14.62 -17.62 1.68
N SER A 94 15.13 -16.61 0.97
CA SER A 94 15.37 -15.31 1.56
C SER A 94 14.49 -14.22 0.93
N LEU A 95 14.70 -12.99 1.36
CA LEU A 95 14.00 -11.84 0.78
C LEU A 95 14.39 -11.70 -0.69
N TYR A 96 15.63 -12.06 -1.00
CA TYR A 96 16.09 -12.05 -2.38
C TYR A 96 15.27 -13.02 -3.21
N THR A 97 14.97 -14.19 -2.64
CA THR A 97 14.15 -15.19 -3.30
C THR A 97 12.75 -14.64 -3.58
N VAL A 98 12.19 -13.96 -2.59
CA VAL A 98 10.86 -13.37 -2.72
C VAL A 98 10.86 -12.31 -3.82
N LEU A 99 11.87 -11.46 -3.80
CA LEU A 99 11.96 -10.36 -4.75
C LEU A 99 12.19 -10.85 -6.18
N GLU A 100 12.74 -12.05 -6.33
CA GLU A 100 12.99 -12.57 -7.67
C GLU A 100 11.74 -13.14 -8.37
N GLU A 101 10.63 -13.17 -7.64
CA GLU A 101 9.36 -13.53 -8.24
C GLU A 101 8.82 -12.36 -9.05
N PRO A 102 8.39 -12.62 -10.29
CA PRO A 102 7.88 -11.57 -11.18
C PRO A 102 6.63 -10.86 -10.65
N SER A 103 5.94 -11.50 -9.70
CA SER A 103 4.80 -10.88 -9.05
C SER A 103 5.27 -9.75 -8.14
N ASN A 104 6.52 -9.82 -7.71
CA ASN A 104 7.12 -8.75 -6.94
C ASN A 104 8.18 -7.99 -7.73
N ALA A 105 8.04 -7.99 -9.06
CA ALA A 105 8.99 -7.31 -9.94
C ALA A 105 8.97 -5.80 -9.72
N TYR A 106 7.82 -5.29 -9.31
CA TYR A 106 7.67 -3.86 -9.09
C TYR A 106 7.31 -3.57 -7.63
N GLY A 107 7.94 -4.31 -6.73
CA GLY A 107 7.78 -4.07 -5.30
C GLY A 107 6.84 -5.05 -4.63
N LEU A 108 7.08 -5.30 -3.35
CA LEU A 108 6.27 -6.24 -2.58
C LEU A 108 4.86 -5.69 -2.37
N PRO A 109 3.90 -6.61 -2.14
CA PRO A 109 2.58 -6.17 -1.65
C PRO A 109 2.77 -5.45 -0.31
N GLU A 110 1.92 -4.48 -0.03
CA GLU A 110 2.09 -3.58 1.12
C GLU A 110 2.21 -4.28 2.47
N SER A 111 1.32 -5.23 2.74
CA SER A 111 1.37 -5.97 4.00
C SER A 111 2.72 -6.67 4.17
N GLU A 112 3.21 -7.25 3.08
CA GLU A 112 4.50 -7.94 3.09
C GLU A 112 5.64 -6.97 3.37
N PHE A 113 5.55 -5.77 2.82
CA PHE A 113 6.56 -4.75 3.07
C PHE A 113 6.55 -4.33 4.52
N LEU A 114 5.37 -4.17 5.10
CA LEU A 114 5.24 -3.82 6.52
C LEU A 114 5.88 -4.90 7.38
N ILE A 115 5.60 -6.15 7.02
CA ILE A 115 6.20 -7.29 7.68
C ILE A 115 7.73 -7.24 7.60
N VAL A 116 8.26 -6.90 6.43
CA VAL A 116 9.70 -6.81 6.22
C VAL A 116 10.31 -5.72 7.11
N LEU A 117 9.66 -4.56 7.14
CA LEU A 117 10.09 -3.46 8.00
C LEU A 117 10.14 -3.89 9.46
N ARG A 118 9.00 -4.37 9.96
CA ARG A 118 8.87 -4.82 11.33
C ARG A 118 9.98 -5.80 11.69
N ASP A 119 10.12 -6.84 10.85
CA ASP A 119 11.11 -7.88 11.06
C ASP A 119 12.55 -7.37 11.07
N VAL A 120 12.96 -6.70 10.01
CA VAL A 120 14.33 -6.22 9.90
C VAL A 120 14.69 -5.27 11.04
N VAL A 121 13.81 -4.32 11.35
CA VAL A 121 14.10 -3.40 12.45
C VAL A 121 14.08 -4.11 13.80
N GLY A 122 13.30 -5.18 13.91
CA GLY A 122 13.25 -5.96 15.13
C GLY A 122 14.56 -6.69 15.37
N GLY A 123 15.02 -7.39 14.34
CA GLY A 123 16.29 -8.10 14.40
C GLY A 123 17.45 -7.16 14.62
N MET A 124 17.37 -5.99 14.00
CA MET A 124 18.38 -4.96 14.19
C MET A 124 18.41 -4.48 15.64
N ASN A 125 17.23 -4.26 16.20
CA ASN A 125 17.12 -3.79 17.57
C ASN A 125 17.66 -4.81 18.55
N HIS A 126 17.21 -6.05 18.41
CA HIS A 126 17.64 -7.13 19.28
C HIS A 126 19.14 -7.39 19.13
N LEU A 127 19.67 -7.16 17.94
CA LEU A 127 21.09 -7.32 17.71
C LEU A 127 21.89 -6.21 18.38
N ARG A 128 21.41 -4.97 18.29
CA ARG A 128 22.14 -3.83 18.82
C ARG A 128 22.09 -3.77 20.34
N GLU A 129 20.97 -4.15 20.93
CA GLU A 129 20.84 -4.14 22.39
C GLU A 129 21.72 -5.17 23.07
N ASN A 130 22.20 -6.15 22.30
CA ASN A 130 23.20 -7.10 22.77
C ASN A 130 24.53 -6.85 22.07
N GLY A 131 25.32 -7.91 21.92
CA GLY A 131 26.56 -7.80 21.17
C GLY A 131 26.30 -7.75 19.68
N ILE A 132 27.35 -7.54 18.89
CA ILE A 132 27.30 -7.44 17.41
C ILE A 132 26.30 -6.46 16.78
N VAL A 133 26.84 -5.56 15.97
CA VAL A 133 26.03 -4.71 15.09
C VAL A 133 26.12 -5.30 13.68
N HIS A 134 24.98 -5.51 13.04
CA HIS A 134 24.95 -6.10 11.71
C HIS A 134 25.55 -5.14 10.69
N ARG A 135 26.74 -5.46 10.20
CA ARG A 135 27.47 -4.58 9.29
C ARG A 135 26.70 -4.28 8.01
N ASP A 136 26.28 -5.33 7.32
CA ASP A 136 25.60 -5.20 6.04
C ASP A 136 24.32 -6.02 5.97
N ILE A 137 23.20 -5.34 5.70
CA ILE A 137 21.91 -6.01 5.58
C ILE A 137 21.36 -5.94 4.15
N LYS A 138 21.17 -7.11 3.56
CA LYS A 138 20.69 -7.22 2.18
C LYS A 138 19.61 -8.29 2.11
N PRO A 139 18.79 -8.28 1.05
CA PRO A 139 17.82 -9.36 0.81
C PRO A 139 18.44 -10.74 0.86
N GLY A 140 19.70 -10.86 0.43
CA GLY A 140 20.40 -12.12 0.39
C GLY A 140 20.51 -12.83 1.74
N ASN A 141 20.75 -12.05 2.79
CA ASN A 141 20.88 -12.63 4.13
C ASN A 141 19.71 -12.30 5.06
N ILE A 142 18.52 -12.17 4.48
CA ILE A 142 17.29 -12.02 5.25
C ILE A 142 16.36 -13.18 4.91
N MET A 143 16.41 -14.23 5.73
CA MET A 143 15.68 -15.46 5.43
C MET A 143 14.19 -15.32 5.72
N ARG A 144 13.39 -16.12 5.03
CA ARG A 144 11.95 -16.09 5.21
C ARG A 144 11.43 -17.43 5.72
N VAL A 145 10.65 -17.38 6.79
CA VAL A 145 10.00 -18.56 7.35
C VAL A 145 8.51 -18.30 7.38
N ILE A 146 7.69 -19.33 7.13
CA ILE A 146 6.25 -19.16 7.24
C ILE A 146 5.76 -19.55 8.63
N GLY A 147 5.25 -18.56 9.37
CA GLY A 147 4.78 -18.79 10.72
C GLY A 147 3.56 -19.67 10.78
N GLU A 148 3.14 -20.02 12.00
CA GLU A 148 2.01 -20.91 12.20
C GLU A 148 0.70 -20.33 11.68
N ASP A 149 0.65 -19.02 11.49
CA ASP A 149 -0.58 -18.37 11.05
C ASP A 149 -0.60 -18.06 9.54
N GLY A 150 0.43 -18.51 8.84
CA GLY A 150 0.46 -18.39 7.39
C GLY A 150 1.25 -17.19 6.86
N GLN A 151 1.30 -16.12 7.64
CA GLN A 151 2.02 -14.93 7.20
C GLN A 151 3.47 -14.94 7.67
N SER A 152 4.35 -14.47 6.78
CA SER A 152 5.78 -14.69 6.94
C SER A 152 6.45 -13.94 8.08
N VAL A 153 7.58 -14.50 8.50
CA VAL A 153 8.47 -13.92 9.49
C VAL A 153 9.86 -13.91 8.88
N TYR A 154 10.49 -12.73 8.86
CA TYR A 154 11.82 -12.58 8.29
C TYR A 154 12.89 -12.53 9.36
N LYS A 155 13.99 -13.24 9.12
CA LYS A 155 15.03 -13.42 10.12
C LYS A 155 16.40 -13.02 9.59
N LEU A 156 17.14 -12.28 10.41
CA LEU A 156 18.48 -11.85 10.03
C LEU A 156 19.49 -12.98 10.28
N THR A 157 20.42 -13.14 9.35
CA THR A 157 21.48 -14.11 9.51
C THR A 157 22.80 -13.46 9.16
N ASP A 158 23.90 -14.20 9.30
CA ASP A 158 25.21 -13.74 8.89
C ASP A 158 25.61 -12.46 9.62
N PHE A 159 26.14 -12.61 10.83
CA PHE A 159 26.55 -11.48 11.64
C PHE A 159 27.68 -11.86 12.60
N GLY A 160 27.67 -13.11 13.05
CA GLY A 160 28.73 -13.60 13.92
C GLY A 160 30.02 -13.77 13.14
N ALA A 161 29.89 -14.27 11.91
CA ALA A 161 31.04 -14.42 11.02
C ALA A 161 31.60 -13.07 10.60
N ALA A 162 32.27 -12.38 11.53
CA ALA A 162 32.94 -11.12 11.23
C ALA A 162 34.42 -11.38 11.05
N ARG A 163 34.74 -12.55 10.52
CA ARG A 163 36.11 -12.99 10.33
C ARG A 163 36.82 -12.14 9.28
N GLU A 164 38.09 -11.85 9.52
CA GLU A 164 38.85 -10.94 8.68
C GLU A 164 39.89 -11.67 7.83
N LEU A 165 39.50 -12.79 7.24
CA LEU A 165 40.42 -13.54 6.39
C LEU A 165 40.42 -13.01 4.96
N GLU A 166 40.89 -11.77 4.79
CA GLU A 166 41.04 -11.18 3.47
C GLU A 166 42.39 -10.48 3.32
N ASP A 167 42.44 -9.23 3.76
CA ASP A 167 43.63 -8.38 3.61
C ASP A 167 44.04 -8.33 2.14
N ASP A 168 44.69 -9.40 1.68
CA ASP A 168 44.99 -9.55 0.25
C ASP A 168 44.82 -11.01 -0.17
N GLY A 176 49.24 -16.03 4.32
CA GLY A 176 49.84 -15.31 5.43
C GLY A 176 50.78 -14.22 4.96
N THR A 177 50.25 -13.32 4.13
CA THR A 177 51.04 -12.22 3.57
C THR A 177 51.06 -11.02 4.52
N GLU A 178 50.71 -11.25 5.77
CA GLU A 178 50.68 -10.18 6.76
C GLU A 178 52.07 -9.64 7.08
N GLU A 179 53.01 -10.55 7.32
CA GLU A 179 54.35 -10.19 7.74
C GLU A 179 55.30 -9.91 6.58
N TYR A 180 54.73 -9.53 5.44
CA TYR A 180 55.51 -9.19 4.25
C TYR A 180 54.99 -7.94 3.57
N LEU A 181 54.04 -7.26 4.22
CA LEU A 181 53.36 -6.11 3.61
C LEU A 181 54.06 -4.77 3.81
N HIS A 182 53.95 -3.93 2.78
CA HIS A 182 54.42 -2.55 2.82
C HIS A 182 53.53 -1.76 3.77
N PRO A 183 54.14 -0.95 4.65
CA PRO A 183 53.53 -0.04 5.61
C PRO A 183 52.22 0.61 5.16
N ASP A 184 52.05 0.83 3.86
CA ASP A 184 50.88 1.51 3.33
C ASP A 184 49.65 0.60 3.21
N MET A 185 49.88 -0.71 3.19
CA MET A 185 48.77 -1.65 3.26
C MET A 185 48.27 -1.63 4.70
N TYR A 186 49.20 -1.42 5.63
CA TYR A 186 48.87 -1.25 7.03
C TYR A 186 48.15 0.08 7.25
N GLU A 187 48.47 1.07 6.43
CA GLU A 187 47.77 2.35 6.49
C GLU A 187 46.38 2.18 5.89
N ARG A 188 46.26 1.24 4.96
CA ARG A 188 44.95 0.87 4.44
C ARG A 188 44.15 0.20 5.56
N ALA A 189 44.85 -0.56 6.39
CA ALA A 189 44.24 -1.19 7.55
C ALA A 189 43.80 -0.15 8.59
N VAL A 190 44.56 0.94 8.68
CA VAL A 190 44.18 2.07 9.52
C VAL A 190 42.90 2.68 8.97
N LEU A 191 42.87 2.83 7.64
CA LEU A 191 41.69 3.36 6.96
C LEU A 191 40.49 2.41 7.09
N ARG A 192 40.77 1.17 7.47
CA ARG A 192 39.72 0.18 7.74
C ARG A 192 39.18 0.29 9.17
N LYS A 193 40.10 0.33 10.14
CA LYS A 193 39.72 0.32 11.55
C LYS A 193 39.09 1.62 12.05
N ASP A 194 39.00 2.62 11.18
CA ASP A 194 38.36 3.88 11.54
C ASP A 194 36.85 3.80 11.35
N HIS A 195 36.36 2.61 11.04
CA HIS A 195 34.94 2.41 10.78
C HIS A 195 34.15 2.05 12.04
N GLN A 196 34.76 1.33 12.96
CA GLN A 196 34.10 0.94 14.20
C GLN A 196 33.86 2.15 15.11
N LYS A 197 34.51 3.26 14.78
CA LYS A 197 34.35 4.50 15.52
C LYS A 197 32.89 4.92 15.62
N LYS A 198 32.30 5.29 14.49
CA LYS A 198 30.86 5.50 14.42
C LYS A 198 30.31 4.96 13.10
N TYR A 199 31.14 4.97 12.07
CA TYR A 199 30.75 4.44 10.75
C TYR A 199 30.52 2.93 10.78
N GLY A 200 29.72 2.48 11.74
CA GLY A 200 29.33 1.10 11.88
C GLY A 200 27.98 1.08 12.58
N ALA A 201 27.74 2.14 13.35
CA ALA A 201 26.47 2.33 14.02
C ALA A 201 25.58 3.27 13.21
N THR A 202 26.02 3.56 11.98
CA THR A 202 25.25 4.40 11.06
C THR A 202 25.54 3.97 9.62
N VAL A 203 26.50 3.08 9.46
CA VAL A 203 26.92 2.59 8.15
C VAL A 203 26.04 1.43 7.70
N ASP A 204 25.43 0.75 8.67
CA ASP A 204 24.53 -0.35 8.39
C ASP A 204 23.22 0.20 7.85
N LEU A 205 22.84 1.38 8.36
CA LEU A 205 21.58 2.01 8.01
C LEU A 205 21.47 2.31 6.51
N TRP A 206 22.61 2.51 5.85
CA TRP A 206 22.62 2.72 4.41
C TRP A 206 22.11 1.48 3.70
N SER A 207 22.80 0.36 3.96
CA SER A 207 22.43 -0.92 3.39
C SER A 207 20.99 -1.26 3.73
N VAL A 208 20.58 -0.95 4.95
CA VAL A 208 19.20 -1.18 5.36
C VAL A 208 18.22 -0.37 4.52
N GLY A 209 18.53 0.89 4.30
CA GLY A 209 17.68 1.78 3.52
C GLY A 209 17.57 1.34 2.08
N VAL A 210 18.71 1.00 1.50
CA VAL A 210 18.76 0.46 0.14
C VAL A 210 17.92 -0.82 0.06
N THR A 211 18.01 -1.66 1.09
CA THR A 211 17.19 -2.87 1.16
C THR A 211 15.70 -2.54 1.15
N PHE A 212 15.30 -1.60 2.00
CA PHE A 212 13.89 -1.19 2.07
C PHE A 212 13.39 -0.65 0.75
N TYR A 213 14.21 0.15 0.07
CA TYR A 213 13.85 0.67 -1.24
C TYR A 213 13.73 -0.47 -2.26
N HIS A 214 14.61 -1.46 -2.13
CA HIS A 214 14.62 -2.59 -3.04
C HIS A 214 13.32 -3.39 -2.91
N ALA A 215 12.92 -3.64 -1.67
CA ALA A 215 11.71 -4.42 -1.40
C ALA A 215 10.44 -3.63 -1.72
N ALA A 216 10.53 -2.31 -1.61
CA ALA A 216 9.37 -1.45 -1.85
C ALA A 216 9.10 -1.19 -3.34
N THR A 217 10.16 -0.96 -4.11
CA THR A 217 10.00 -0.57 -5.51
C THR A 217 10.22 -1.73 -6.46
N GLY A 218 10.94 -2.75 -6.00
CA GLY A 218 11.31 -3.87 -6.84
C GLY A 218 12.55 -3.54 -7.66
N SER A 219 13.25 -2.48 -7.27
CA SER A 219 14.45 -2.05 -7.97
C SER A 219 15.43 -1.38 -7.00
N LEU A 220 16.71 -1.35 -7.37
CA LEU A 220 17.73 -0.69 -6.56
C LEU A 220 17.59 0.83 -6.65
N PRO A 221 18.01 1.54 -5.60
CA PRO A 221 17.87 3.01 -5.58
C PRO A 221 18.83 3.70 -6.54
N PHE A 222 19.99 3.09 -6.79
CA PHE A 222 21.04 3.74 -7.55
C PHE A 222 21.60 2.84 -8.64
N ARG A 223 21.13 3.02 -9.86
CA ARG A 223 21.49 2.14 -10.96
C ARG A 223 21.96 2.89 -12.21
N PRO A 224 23.21 2.64 -12.63
CA PRO A 224 23.81 3.15 -13.87
C PRO A 224 23.06 2.67 -15.11
N PHE A 225 23.64 2.91 -16.29
CA PHE A 225 23.00 2.62 -17.56
C PHE A 225 22.53 1.18 -17.75
N GLU A 226 23.35 0.21 -17.33
CA GLU A 226 23.00 -1.19 -17.51
C GLU A 226 23.40 -2.05 -16.33
N GLY A 227 23.56 -1.43 -15.16
CA GLY A 227 23.85 -2.17 -13.95
C GLY A 227 24.88 -1.54 -13.04
N PRO A 228 24.63 -1.60 -11.72
CA PRO A 228 25.53 -1.09 -10.68
C PRO A 228 26.92 -1.72 -10.75
N ARG A 229 26.97 -3.04 -10.76
CA ARG A 229 28.24 -3.76 -10.78
C ARG A 229 28.92 -3.71 -12.15
N ARG A 230 28.12 -3.74 -13.20
CA ARG A 230 28.62 -3.77 -14.57
C ARG A 230 29.25 -2.45 -14.99
N ASN A 231 29.21 -1.46 -14.09
CA ASN A 231 29.89 -0.20 -14.28
C ASN A 231 30.08 0.51 -12.94
N LYS A 232 31.26 0.37 -12.36
CA LYS A 232 31.50 0.83 -10.99
C LYS A 232 31.82 2.33 -10.89
N GLU A 233 32.33 2.92 -11.96
CA GLU A 233 32.79 4.30 -11.92
C GLU A 233 31.66 5.32 -11.72
N VAL A 234 30.73 5.36 -12.67
CA VAL A 234 29.62 6.30 -12.57
C VAL A 234 28.72 5.95 -11.39
N MET A 235 28.75 4.69 -10.97
CA MET A 235 28.06 4.24 -9.77
C MET A 235 28.65 4.97 -8.55
N TYR A 236 29.95 4.87 -8.41
CA TYR A 236 30.68 5.58 -7.35
C TYR A 236 30.42 7.08 -7.42
N LYS A 237 30.29 7.59 -8.65
CA LYS A 237 30.11 9.02 -8.86
C LYS A 237 28.70 9.51 -8.54
N ILE A 238 27.70 8.62 -8.65
CA ILE A 238 26.33 9.00 -8.34
C ILE A 238 25.97 8.74 -6.88
N ILE A 239 26.64 7.77 -6.26
CA ILE A 239 26.40 7.48 -4.84
C ILE A 239 26.79 8.64 -3.93
N THR A 240 28.04 9.09 -4.04
CA THR A 240 28.56 10.14 -3.17
C THR A 240 28.07 11.53 -3.56
N GLY A 241 27.86 11.74 -4.86
CA GLY A 241 27.44 13.02 -5.36
C GLY A 241 25.96 13.34 -5.13
N LYS A 242 25.28 12.48 -4.38
CA LYS A 242 23.86 12.65 -4.09
C LYS A 242 23.61 13.61 -2.92
N PRO A 243 22.72 14.60 -3.13
CA PRO A 243 22.34 15.54 -2.07
C PRO A 243 21.25 14.97 -1.16
N SER A 244 21.00 15.65 -0.05
CA SER A 244 20.02 15.17 0.93
C SER A 244 18.59 15.24 0.41
N GLY A 245 17.74 14.34 0.90
CA GLY A 245 16.34 14.30 0.50
C GLY A 245 16.10 13.40 -0.69
N ALA A 246 17.13 13.22 -1.52
CA ALA A 246 17.03 12.38 -2.70
C ALA A 246 17.19 10.91 -2.32
N ILE A 247 16.22 10.09 -2.70
CA ILE A 247 16.22 8.68 -2.35
C ILE A 247 16.51 7.77 -3.54
N SER A 248 16.48 8.32 -4.75
CA SER A 248 16.76 7.53 -5.95
C SER A 248 17.40 8.35 -7.07
N GLY A 249 18.53 7.86 -7.58
CA GLY A 249 19.19 8.42 -8.73
C GLY A 249 19.36 7.36 -9.81
N VAL A 250 18.79 7.60 -10.98
CA VAL A 250 18.78 6.61 -12.05
C VAL A 250 19.41 7.14 -13.34
N GLN A 251 20.37 6.40 -13.87
CA GLN A 251 20.95 6.71 -15.18
C GLN A 251 20.23 5.92 -16.27
N LYS A 252 19.18 6.51 -16.82
CA LYS A 252 18.35 5.86 -17.82
C LYS A 252 19.05 5.67 -19.16
N ALA A 253 19.91 6.62 -19.53
CA ALA A 253 20.63 6.55 -20.80
C ALA A 253 22.00 5.93 -20.62
N GLU A 254 22.65 5.59 -21.74
CA GLU A 254 23.98 4.99 -21.72
C GLU A 254 25.00 5.87 -20.99
N ASN A 255 25.46 6.92 -21.66
CA ASN A 255 26.38 7.88 -21.02
C ASN A 255 25.62 9.12 -20.59
N GLY A 256 24.31 9.00 -20.48
CA GLY A 256 23.46 10.10 -20.07
C GLY A 256 23.69 10.48 -18.62
N PRO A 257 23.00 11.54 -18.17
CA PRO A 257 23.17 12.06 -16.81
C PRO A 257 22.45 11.19 -15.78
N ILE A 258 21.67 11.82 -14.92
CA ILE A 258 20.92 11.09 -13.90
C ILE A 258 19.53 11.68 -13.72
N ASP A 259 18.54 10.82 -13.50
CA ASP A 259 17.22 11.28 -13.10
C ASP A 259 17.19 11.30 -11.58
N TRP A 260 16.62 12.36 -11.01
CA TRP A 260 16.66 12.56 -9.57
C TRP A 260 15.25 12.49 -8.98
N SER A 261 15.09 11.69 -7.93
CA SER A 261 13.79 11.57 -7.27
C SER A 261 13.87 11.35 -5.76
N GLY A 262 13.12 12.16 -5.02
CA GLY A 262 12.99 11.99 -3.59
C GLY A 262 11.68 11.30 -3.27
N ASP A 263 11.02 10.82 -4.33
CA ASP A 263 9.78 10.08 -4.19
C ASP A 263 9.92 8.68 -4.75
N MET A 264 8.93 7.83 -4.50
CA MET A 264 8.92 6.46 -5.01
C MET A 264 8.50 6.44 -6.46
N PRO A 265 9.01 5.46 -7.24
CA PRO A 265 8.62 5.29 -8.64
C PRO A 265 7.11 5.13 -8.79
N LEU A 266 6.58 5.54 -9.93
CA LEU A 266 5.16 5.45 -10.22
C LEU A 266 4.69 4.00 -10.19
N SER A 267 5.62 3.08 -10.48
CA SER A 267 5.32 1.66 -10.51
C SER A 267 5.00 1.11 -9.13
N CYS A 268 5.54 1.76 -8.10
CA CYS A 268 5.32 1.36 -6.73
C CYS A 268 3.85 1.53 -6.35
N SER A 269 3.21 0.44 -5.92
CA SER A 269 1.80 0.47 -5.62
C SER A 269 1.51 0.58 -4.13
N LEU A 270 2.55 0.87 -3.33
CA LEU A 270 2.36 1.10 -1.91
C LEU A 270 1.41 2.27 -1.72
N SER A 271 0.53 2.17 -0.73
CA SER A 271 -0.50 3.19 -0.49
C SER A 271 0.11 4.58 -0.35
N GLN A 272 -0.69 5.61 -0.64
CA GLN A 272 -0.24 6.99 -0.62
C GLN A 272 0.22 7.39 0.79
N GLY A 273 -0.51 6.94 1.80
CA GLY A 273 -0.18 7.24 3.19
C GLY A 273 1.12 6.60 3.66
N LEU A 274 1.24 5.29 3.45
CA LEU A 274 2.45 4.56 3.82
C LEU A 274 3.66 5.18 3.14
N GLN A 275 3.52 5.43 1.85
CA GLN A 275 4.58 6.03 1.07
C GLN A 275 4.99 7.38 1.64
N ALA A 276 3.97 8.16 2.02
CA ALA A 276 4.18 9.48 2.61
C ALA A 276 4.92 9.38 3.94
N LEU A 277 4.73 8.28 4.66
CA LEU A 277 5.47 8.06 5.90
C LEU A 277 6.81 7.38 5.68
N LEU A 278 7.06 6.89 4.46
CA LEU A 278 8.24 6.08 4.20
C LEU A 278 9.36 6.86 3.53
N THR A 279 9.01 7.73 2.59
CA THR A 279 10.01 8.57 1.92
C THR A 279 10.88 9.44 2.84
N PRO A 280 10.30 10.01 3.92
CA PRO A 280 11.16 10.76 4.84
C PRO A 280 12.22 9.89 5.54
N VAL A 281 11.86 8.68 5.97
CA VAL A 281 12.83 7.81 6.63
C VAL A 281 13.94 7.38 5.68
N LEU A 282 13.59 7.17 4.42
CA LEU A 282 14.58 6.77 3.42
C LEU A 282 15.53 7.91 3.06
N ALA A 283 15.07 9.14 3.24
CA ALA A 283 15.86 10.31 2.90
C ALA A 283 17.12 10.44 3.76
N ASN A 284 16.96 10.52 5.07
CA ASN A 284 18.10 10.75 5.95
C ASN A 284 18.82 9.48 6.42
N ILE A 285 18.31 8.34 6.01
CA ILE A 285 18.97 7.06 6.26
C ILE A 285 19.94 6.83 5.09
N LEU A 286 19.73 7.59 4.02
CA LEU A 286 20.58 7.53 2.84
C LEU A 286 21.47 8.77 2.75
N GLU A 287 21.96 9.24 3.90
CA GLU A 287 22.91 10.35 3.93
C GLU A 287 24.31 9.88 4.32
N ALA A 288 25.32 10.65 3.93
CA ALA A 288 26.71 10.24 4.13
C ALA A 288 27.53 11.25 4.93
N ASP A 289 26.87 11.98 5.85
CA ASP A 289 27.59 12.95 6.66
C ASP A 289 26.87 13.38 7.94
N GLN A 290 27.54 13.19 9.07
CA GLN A 290 27.16 13.77 10.35
C GLN A 290 25.79 13.39 10.92
N GLU A 291 25.33 14.19 11.87
CA GLU A 291 24.14 13.87 12.68
C GLU A 291 22.82 14.08 11.93
N LYS A 292 22.91 14.58 10.69
CA LYS A 292 21.72 14.66 9.85
C LYS A 292 21.43 13.30 9.23
N CYS A 293 22.27 12.32 9.55
CA CYS A 293 22.04 10.94 9.16
C CYS A 293 21.33 10.21 10.30
N TRP A 294 20.58 10.98 11.08
CA TRP A 294 19.78 10.46 12.19
C TRP A 294 20.57 9.73 13.28
N GLY A 295 21.10 8.55 12.93
CA GLY A 295 21.65 7.65 13.91
C GLY A 295 20.59 6.59 14.20
N PHE A 296 20.94 5.56 14.96
CA PHE A 296 20.02 4.46 15.18
C PHE A 296 18.75 4.86 15.95
N ASP A 297 18.91 5.27 17.22
CA ASP A 297 17.77 5.47 18.13
C ASP A 297 16.58 6.22 17.54
N GLN A 298 16.86 7.27 16.77
CA GLN A 298 15.79 8.03 16.14
C GLN A 298 15.16 7.24 14.99
N PHE A 299 15.98 6.49 14.26
CA PHE A 299 15.51 5.63 13.17
C PHE A 299 14.59 4.54 13.72
N PHE A 300 14.97 3.99 14.87
CA PHE A 300 14.16 2.98 15.53
C PHE A 300 12.85 3.57 16.02
N ALA A 301 12.94 4.73 16.68
CA ALA A 301 11.76 5.38 17.22
C ALA A 301 10.76 5.70 16.10
N GLU A 302 11.29 6.19 14.98
CA GLU A 302 10.46 6.58 13.84
C GLU A 302 9.82 5.37 13.17
N THR A 303 10.65 4.36 12.85
CA THR A 303 10.14 3.16 12.21
C THR A 303 9.12 2.44 13.08
N SER A 304 9.36 2.46 14.38
CA SER A 304 8.42 1.89 15.35
C SER A 304 7.11 2.67 15.32
N ASP A 305 7.22 4.00 15.25
CA ASP A 305 6.06 4.85 15.14
C ASP A 305 5.22 4.46 13.93
N VAL A 306 5.87 4.31 12.78
CA VAL A 306 5.20 3.91 11.55
C VAL A 306 4.55 2.54 11.66
N LEU A 307 5.28 1.58 12.22
CA LEU A 307 4.83 0.19 12.28
C LEU A 307 3.71 -0.05 13.30
N HIS A 308 3.61 0.81 14.31
CA HIS A 308 2.58 0.63 15.34
C HIS A 308 1.19 1.09 14.91
N ARG A 309 1.14 1.89 13.86
CA ARG A 309 -0.12 2.49 13.40
C ARG A 309 -1.10 1.48 12.86
N MET A 310 -2.39 1.75 13.05
CA MET A 310 -3.44 0.97 12.42
C MET A 310 -3.91 1.68 11.16
N VAL A 311 -4.39 0.92 10.18
CA VAL A 311 -4.85 1.50 8.93
C VAL A 311 -6.38 1.57 8.82
N ILE A 312 -6.90 2.74 8.51
CA ILE A 312 -8.31 2.89 8.18
C ILE A 312 -8.45 3.12 6.69
N HIS A 313 -9.19 2.24 6.02
CA HIS A 313 -9.39 2.37 4.58
C HIS A 313 -10.50 3.37 4.29
N VAL A 314 -10.19 4.37 3.49
CA VAL A 314 -11.22 5.31 3.05
C VAL A 314 -11.21 5.43 1.53
N PHE A 315 -12.37 5.63 0.93
CA PHE A 315 -12.44 5.75 -0.52
C PHE A 315 -13.14 7.03 -0.97
N SER A 316 -12.41 7.86 -1.69
CA SER A 316 -12.96 9.08 -2.26
C SER A 316 -13.76 8.76 -3.52
N LEU A 317 -15.08 8.94 -3.41
CA LEU A 317 -16.01 8.72 -4.51
C LEU A 317 -15.99 9.86 -5.52
N GLN A 318 -15.33 10.97 -5.16
CA GLN A 318 -15.28 12.13 -6.03
C GLN A 318 -14.08 12.08 -6.97
N HIS A 319 -12.93 11.70 -6.41
CA HIS A 319 -11.70 11.59 -7.19
C HIS A 319 -11.55 10.17 -7.74
N MET A 320 -12.44 9.28 -7.30
CA MET A 320 -12.37 7.85 -7.62
C MET A 320 -11.01 7.30 -7.18
N THR A 321 -10.69 7.48 -5.90
CA THR A 321 -9.37 7.05 -5.42
C THR A 321 -9.46 6.36 -4.06
N ALA A 322 -8.68 5.30 -3.91
CA ALA A 322 -8.61 4.56 -2.65
C ALA A 322 -7.50 5.13 -1.79
N HIS A 323 -7.66 4.97 -0.48
CA HIS A 323 -6.76 5.60 0.47
C HIS A 323 -6.56 4.75 1.71
N LYS A 324 -5.31 4.57 2.13
CA LYS A 324 -5.01 3.92 3.39
C LYS A 324 -4.53 4.98 4.39
N ILE A 325 -5.35 5.27 5.38
CA ILE A 325 -5.02 6.27 6.39
C ILE A 325 -4.27 5.62 7.55
N TYR A 326 -3.02 6.06 7.75
CA TYR A 326 -2.20 5.52 8.82
C TYR A 326 -2.33 6.37 10.08
N ILE A 327 -3.28 5.98 10.91
CA ILE A 327 -3.57 6.70 12.14
C ILE A 327 -3.01 5.92 13.31
N HIS A 328 -2.73 6.62 14.41
CA HIS A 328 -2.00 6.02 15.52
C HIS A 328 -2.89 5.37 16.58
N SER A 329 -4.12 5.03 16.19
CA SER A 329 -5.04 4.30 17.07
C SER A 329 -5.48 5.08 18.31
N TYR A 330 -4.52 5.63 19.04
CA TYR A 330 -4.80 6.39 20.26
C TYR A 330 -5.07 7.86 19.98
N ASN A 331 -4.93 8.28 18.72
CA ASN A 331 -5.14 9.69 18.37
C ASN A 331 -6.55 9.99 17.87
N THR A 332 -6.92 11.25 17.94
CA THR A 332 -8.31 11.68 17.72
C THR A 332 -8.81 11.58 16.28
N ALA A 333 -10.11 11.88 16.11
CA ALA A 333 -10.73 11.88 14.79
C ALA A 333 -10.41 13.17 14.06
N ALA A 334 -9.96 14.18 14.80
CA ALA A 334 -9.54 15.44 14.22
C ALA A 334 -8.33 15.22 13.30
N VAL A 335 -7.30 14.59 13.85
CA VAL A 335 -6.09 14.31 13.08
C VAL A 335 -6.40 13.32 11.95
N PHE A 336 -7.42 12.49 12.16
CA PHE A 336 -7.91 11.62 11.10
C PHE A 336 -8.40 12.44 9.92
N HIS A 337 -9.29 13.40 10.21
CA HIS A 337 -9.81 14.29 9.18
C HIS A 337 -8.68 15.09 8.53
N GLU A 338 -7.65 15.39 9.30
CA GLU A 338 -6.51 16.13 8.76
C GLU A 338 -5.66 15.25 7.85
N LEU A 339 -5.67 13.93 8.09
CA LEU A 339 -4.97 12.98 7.24
C LEU A 339 -5.72 12.79 5.92
N VAL A 340 -7.01 12.48 6.05
CA VAL A 340 -7.91 12.36 4.90
C VAL A 340 -7.81 13.64 4.06
N TYR A 341 -7.65 14.78 4.75
CA TYR A 341 -7.39 16.04 4.07
C TYR A 341 -6.06 15.99 3.33
N LYS A 342 -4.99 15.64 4.06
CA LYS A 342 -3.64 15.60 3.50
C LYS A 342 -3.52 14.78 2.21
N GLN A 343 -4.30 13.70 2.11
CA GLN A 343 -4.30 12.90 0.87
C GLN A 343 -5.31 13.40 -0.17
N THR A 344 -6.56 13.59 0.27
CA THR A 344 -7.66 13.87 -0.66
C THR A 344 -7.89 15.35 -0.94
N LYS A 345 -7.03 16.21 -0.40
CA LYS A 345 -7.15 17.68 -0.48
C LYS A 345 -8.56 18.26 -0.22
N ILE A 346 -9.34 17.60 0.64
CA ILE A 346 -10.63 18.16 1.07
C ILE A 346 -10.62 18.36 2.58
N VAL A 347 -10.89 19.60 3.00
CA VAL A 347 -10.72 19.99 4.39
C VAL A 347 -11.81 19.42 5.30
N SER A 348 -11.44 19.20 6.56
CA SER A 348 -12.26 18.53 7.57
C SER A 348 -13.75 18.81 7.49
N SER A 349 -14.10 20.09 7.49
CA SER A 349 -15.50 20.52 7.50
C SER A 349 -16.28 20.04 6.28
N ASN A 350 -15.60 19.95 5.14
CA ASN A 350 -16.22 19.51 3.91
C ASN A 350 -16.50 18.01 3.87
N GLN A 351 -15.69 17.24 4.60
CA GLN A 351 -15.73 15.77 4.52
C GLN A 351 -17.05 15.16 4.96
N GLU A 352 -17.59 14.26 4.13
CA GLU A 352 -18.82 13.55 4.44
C GLU A 352 -18.62 12.03 4.31
N LEU A 353 -18.90 11.31 5.39
CA LEU A 353 -18.52 9.91 5.51
C LEU A 353 -19.73 8.97 5.37
N ILE A 354 -19.48 7.80 4.78
CA ILE A 354 -20.53 6.79 4.57
C ILE A 354 -19.96 5.41 4.92
N TYR A 355 -20.78 4.56 5.54
CA TYR A 355 -20.32 3.24 5.96
C TYR A 355 -21.46 2.22 5.99
N GLU A 356 -21.37 1.22 5.13
CA GLU A 356 -22.37 0.16 5.02
C GLU A 356 -23.78 0.68 4.75
N GLY A 357 -23.88 1.60 3.79
CA GLY A 357 -25.16 2.08 3.31
C GLY A 357 -25.71 3.29 4.05
N ARG A 358 -25.05 3.68 5.13
CA ARG A 358 -25.54 4.77 5.97
C ARG A 358 -24.45 5.78 6.28
N ARG A 359 -24.86 6.99 6.69
CA ARG A 359 -23.93 8.05 7.07
C ARG A 359 -23.03 7.63 8.22
N LEU A 360 -21.83 8.22 8.26
CA LEU A 360 -20.97 8.09 9.42
C LEU A 360 -20.69 9.46 10.01
N VAL A 361 -20.93 9.59 11.31
CA VAL A 361 -20.70 10.85 12.00
C VAL A 361 -19.88 10.61 13.26
N LEU A 362 -18.74 11.28 13.35
CA LEU A 362 -17.87 11.18 14.51
C LEU A 362 -17.37 12.54 14.98
N GLU A 363 -16.86 12.59 16.21
CA GLU A 363 -16.59 13.85 16.88
C GLU A 363 -15.11 14.17 17.09
N LEU A 364 -14.84 15.35 17.63
CA LEU A 364 -13.50 15.89 17.85
C LEU A 364 -12.45 14.95 18.46
N GLY A 365 -12.91 13.96 19.22
CA GLY A 365 -11.99 13.11 19.95
C GLY A 365 -12.38 11.66 20.07
N ARG A 366 -13.01 11.12 19.04
CA ARG A 366 -13.25 9.69 18.99
C ARG A 366 -11.99 8.99 18.50
N LEU A 367 -11.30 8.32 19.42
CA LEU A 367 -10.05 7.64 19.10
C LEU A 367 -10.24 6.54 18.06
N ALA A 368 -9.16 6.23 17.34
CA ALA A 368 -9.24 5.33 16.20
C ALA A 368 -9.45 3.85 16.55
N GLN A 369 -9.37 3.52 17.84
CA GLN A 369 -9.57 2.14 18.28
C GLN A 369 -11.02 1.71 18.04
N HIS A 370 -11.96 2.56 18.41
CA HIS A 370 -13.38 2.24 18.35
C HIS A 370 -13.98 2.63 17.00
N PHE A 371 -13.12 3.02 16.07
CA PHE A 371 -13.53 3.34 14.70
C PHE A 371 -14.14 2.11 14.03
N PRO A 372 -15.02 2.32 13.05
CA PRO A 372 -15.58 1.19 12.29
C PRO A 372 -14.48 0.41 11.58
N LYS A 373 -14.39 -0.89 11.88
CA LYS A 373 -13.38 -1.74 11.26
C LYS A 373 -13.49 -1.73 9.75
N THR A 374 -12.41 -1.30 9.09
CA THR A 374 -12.42 -1.17 7.64
C THR A 374 -11.45 -2.11 6.92
N THR A 375 -11.96 -2.83 5.92
CA THR A 375 -11.13 -3.53 4.96
C THR A 375 -11.07 -2.63 3.74
N GLU A 376 -10.46 -3.08 2.65
CA GLU A 376 -10.42 -2.26 1.45
C GLU A 376 -11.45 -2.71 0.40
N GLU A 377 -12.38 -3.56 0.83
CA GLU A 377 -13.53 -3.89 0.00
C GLU A 377 -14.79 -3.30 0.63
N ASN A 378 -14.68 -2.95 1.91
CA ASN A 378 -15.74 -2.25 2.63
C ASN A 378 -15.14 -1.16 3.52
N PRO A 379 -14.73 -0.04 2.92
CA PRO A 379 -14.05 1.06 3.61
C PRO A 379 -15.02 2.15 4.05
N ILE A 380 -14.46 3.26 4.52
CA ILE A 380 -15.26 4.45 4.80
C ILE A 380 -15.28 5.29 3.54
N PHE A 381 -16.45 5.37 2.89
CA PHE A 381 -16.56 6.23 1.72
C PHE A 381 -16.54 7.69 2.17
N VAL A 382 -15.90 8.54 1.38
CA VAL A 382 -15.79 9.96 1.73
C VAL A 382 -16.09 10.81 0.52
N THR A 383 -16.82 11.90 0.74
CA THR A 383 -17.17 12.81 -0.34
C THR A 383 -17.15 14.26 0.13
N SER A 384 -16.83 15.17 -0.79
CA SER A 384 -16.84 16.58 -0.48
C SER A 384 -18.18 17.20 -0.82
N ARG A 385 -18.25 18.53 -0.76
CA ARG A 385 -19.43 19.26 -1.15
C ARG A 385 -19.01 20.36 -2.11
N GLU A 386 -17.75 20.28 -2.55
CA GLU A 386 -17.12 21.40 -3.25
C GLU A 386 -16.66 21.08 -4.67
N GLN A 387 -17.47 20.33 -5.41
CA GLN A 387 -17.30 20.10 -6.86
C GLN A 387 -15.87 19.98 -7.37
N LEU A 388 -15.25 18.81 -7.20
CA LEU A 388 -13.91 18.59 -7.72
C LEU A 388 -13.84 17.43 -8.73
N ASN A 389 -12.82 17.46 -9.58
CA ASN A 389 -12.67 16.47 -10.65
C ASN A 389 -12.29 15.09 -10.14
N THR A 390 -12.52 14.08 -10.96
CA THR A 390 -12.07 12.72 -10.65
C THR A 390 -10.59 12.62 -10.97
N VAL A 391 -9.88 11.78 -10.22
CA VAL A 391 -8.45 11.59 -10.44
C VAL A 391 -8.15 10.16 -10.91
N GLY A 392 -8.67 9.19 -10.18
CA GLY A 392 -8.55 7.80 -10.58
C GLY A 392 -7.24 7.15 -10.16
N LEU A 393 -7.00 5.94 -10.65
CA LEU A 393 -5.81 5.17 -10.29
C LEU A 393 -4.56 5.76 -10.94
N ARG A 394 -3.50 5.89 -10.15
CA ARG A 394 -2.21 6.33 -10.67
C ARG A 394 -1.25 5.15 -10.77
N TYR A 395 -1.13 4.60 -11.96
CA TYR A 395 -0.19 3.52 -12.22
C TYR A 395 0.80 3.90 -13.31
N GLU A 396 1.95 3.25 -13.29
CA GLU A 396 2.95 3.44 -14.34
C GLU A 396 2.49 2.68 -15.57
N LYS A 397 2.71 3.25 -16.75
CA LYS A 397 2.34 2.58 -17.99
C LYS A 397 3.53 1.80 -18.56
N ILE A 398 3.68 0.56 -18.10
CA ILE A 398 4.81 -0.28 -18.50
C ILE A 398 4.47 -1.12 -19.72
N SER A 399 5.32 -1.03 -20.74
CA SER A 399 5.12 -1.80 -21.97
C SER A 399 6.00 -3.04 -21.98
N LEU A 400 5.60 -4.03 -22.77
CA LEU A 400 6.38 -5.25 -22.92
C LEU A 400 7.74 -4.93 -23.52
N PRO A 401 8.79 -5.58 -23.02
CA PRO A 401 10.11 -5.43 -23.63
C PRO A 401 10.10 -6.14 -24.96
N LYS A 402 10.97 -5.74 -25.89
CA LYS A 402 11.06 -6.43 -27.16
C LYS A 402 11.57 -7.84 -26.94
N ILE A 403 10.92 -8.80 -27.57
CA ILE A 403 11.35 -10.19 -27.50
C ILE A 403 12.31 -10.48 -28.65
N HIS A 404 13.61 -10.43 -28.32
CA HIS A 404 14.70 -10.59 -29.27
C HIS A 404 14.54 -11.80 -30.19
N PRO A 405 14.29 -11.54 -31.49
CA PRO A 405 14.24 -12.61 -32.49
C PRO A 405 15.61 -13.29 -32.57
N ARG A 406 15.78 -14.36 -31.79
CA ARG A 406 17.09 -14.94 -31.60
C ARG A 406 17.04 -16.30 -30.93
N TYR A 407 18.18 -16.72 -30.39
CA TYR A 407 18.27 -17.91 -29.55
C TYR A 407 19.37 -17.70 -28.54
N ASP A 408 19.00 -17.65 -27.26
CA ASP A 408 19.95 -17.32 -26.20
C ASP A 408 19.33 -17.66 -24.86
N LEU A 409 19.62 -18.86 -24.36
CA LEU A 409 18.99 -19.39 -23.15
C LEU A 409 19.01 -18.43 -21.95
N ASP A 410 20.14 -17.76 -21.74
CA ASP A 410 20.25 -16.79 -20.65
C ASP A 410 19.41 -15.56 -20.94
N GLY A 411 19.59 -14.99 -22.14
CA GLY A 411 18.82 -13.86 -22.58
C GLY A 411 17.33 -14.17 -22.66
N ASP A 412 17.01 -15.39 -23.06
CA ASP A 412 15.62 -15.81 -23.12
C ASP A 412 15.01 -15.93 -21.73
N ALA A 413 15.80 -16.43 -20.78
CA ALA A 413 15.35 -16.55 -19.40
C ALA A 413 15.06 -15.16 -18.82
N SER A 414 16.02 -14.26 -18.98
CA SER A 414 15.85 -12.87 -18.54
C SER A 414 14.62 -12.21 -19.18
N MET A 415 14.49 -12.39 -20.49
CA MET A 415 13.37 -11.81 -21.23
C MET A 415 12.05 -12.35 -20.69
N ALA A 416 11.99 -13.66 -20.48
CA ALA A 416 10.80 -14.29 -19.93
C ALA A 416 10.45 -13.73 -18.55
N LYS A 417 11.49 -13.48 -17.75
CA LYS A 417 11.30 -12.89 -16.42
C LYS A 417 10.67 -11.50 -16.54
N ALA A 418 11.23 -10.70 -17.44
CA ALA A 418 10.74 -9.35 -17.69
C ALA A 418 9.28 -9.35 -18.13
N VAL A 419 8.97 -10.16 -19.13
CA VAL A 419 7.61 -10.26 -19.66
C VAL A 419 6.62 -10.72 -18.59
N THR A 420 7.02 -11.75 -17.84
CA THR A 420 6.17 -12.27 -16.77
C THR A 420 5.87 -11.19 -15.74
N GLY A 421 6.89 -10.42 -15.37
CA GLY A 421 6.72 -9.32 -14.44
C GLY A 421 5.78 -8.26 -14.95
N VAL A 422 5.97 -7.84 -16.20
CA VAL A 422 5.10 -6.84 -16.81
C VAL A 422 3.64 -7.29 -16.86
N VAL A 423 3.40 -8.51 -17.35
CA VAL A 423 2.05 -9.04 -17.42
C VAL A 423 1.43 -9.15 -16.02
N CYS A 424 2.28 -9.45 -15.04
CA CYS A 424 1.84 -9.51 -13.65
C CYS A 424 1.34 -8.16 -13.18
N TYR A 425 2.13 -7.12 -13.47
CA TYR A 425 1.75 -5.75 -13.12
C TYR A 425 0.43 -5.39 -13.80
N ALA A 426 0.27 -5.86 -15.04
CA ALA A 426 -0.98 -5.67 -15.76
C ALA A 426 -2.17 -6.29 -15.04
N CYS A 427 -2.02 -7.53 -14.59
CA CYS A 427 -3.10 -8.21 -13.86
C CYS A 427 -3.44 -7.47 -12.58
N ARG A 428 -2.41 -7.07 -11.84
CA ARG A 428 -2.62 -6.32 -10.61
C ARG A 428 -3.40 -5.05 -10.90
N THR A 429 -2.95 -4.30 -11.91
CA THR A 429 -3.59 -3.05 -12.28
C THR A 429 -5.05 -3.25 -12.68
N ALA A 430 -5.32 -4.27 -13.49
CA ALA A 430 -6.69 -4.57 -13.91
C ALA A 430 -7.58 -4.90 -12.71
N SER A 431 -7.06 -5.73 -11.82
CA SER A 431 -7.78 -6.10 -10.61
C SER A 431 -8.14 -4.85 -9.81
N THR A 432 -7.14 -4.00 -9.57
CA THR A 432 -7.37 -2.77 -8.83
C THR A 432 -8.43 -1.88 -9.51
N LEU A 433 -8.35 -1.76 -10.84
CA LEU A 433 -9.34 -0.97 -11.58
C LEU A 433 -10.76 -1.51 -11.40
N LEU A 434 -10.90 -2.84 -11.46
CA LEU A 434 -12.19 -3.47 -11.22
C LEU A 434 -12.68 -3.13 -9.81
N LEU A 435 -11.75 -3.14 -8.86
CA LEU A 435 -12.10 -2.79 -7.47
C LEU A 435 -12.60 -1.35 -7.36
N TYR A 436 -11.90 -0.43 -8.01
CA TYR A 436 -12.31 0.96 -8.02
C TYR A 436 -13.71 1.11 -8.59
N GLN A 437 -13.98 0.40 -9.68
CA GLN A 437 -15.32 0.46 -10.27
C GLN A 437 -16.39 -0.13 -9.36
N GLU A 438 -16.04 -1.18 -8.62
CA GLU A 438 -17.01 -1.82 -7.72
C GLU A 438 -17.33 -0.92 -6.52
N LEU A 439 -16.28 -0.47 -5.84
CA LEU A 439 -16.45 0.48 -4.73
C LEU A 439 -17.21 1.71 -5.22
N MET A 440 -16.94 2.13 -6.45
CA MET A 440 -17.65 3.25 -7.05
C MET A 440 -19.14 2.96 -7.17
N ARG A 441 -19.49 1.80 -7.72
CA ARG A 441 -20.89 1.44 -7.88
C ARG A 441 -21.63 1.38 -6.55
N LYS A 442 -21.10 0.59 -5.63
CA LYS A 442 -21.68 0.43 -4.30
C LYS A 442 -21.83 1.77 -3.57
N GLY A 443 -20.75 2.56 -3.58
CA GLY A 443 -20.77 3.88 -3.00
C GLY A 443 -21.82 4.78 -3.63
N VAL A 444 -22.01 4.65 -4.94
CA VAL A 444 -22.98 5.45 -5.66
C VAL A 444 -24.39 5.09 -5.22
N ARG A 445 -24.67 3.79 -5.19
CA ARG A 445 -25.95 3.27 -4.74
C ARG A 445 -26.29 3.75 -3.32
N TRP A 446 -25.29 3.68 -2.44
CA TRP A 446 -25.47 4.15 -1.07
C TRP A 446 -25.74 5.65 -1.04
N LEU A 447 -25.05 6.38 -1.91
CA LEU A 447 -25.21 7.84 -1.96
C LEU A 447 -26.62 8.23 -2.41
N VAL A 448 -27.14 7.61 -3.45
CA VAL A 448 -28.52 7.90 -3.88
C VAL A 448 -29.52 7.48 -2.82
N GLU A 449 -29.31 6.33 -2.19
CA GLU A 449 -30.22 5.91 -1.12
C GLU A 449 -30.23 6.95 0.03
N LEU A 450 -29.05 7.49 0.31
CA LEU A 450 -28.87 8.47 1.37
C LEU A 450 -29.52 9.81 1.04
N VAL A 451 -29.37 10.25 -0.21
CA VAL A 451 -30.03 11.45 -0.67
C VAL A 451 -31.54 11.27 -0.55
N LYS A 452 -32.02 10.07 -0.88
CA LYS A 452 -33.43 9.74 -0.66
C LYS A 452 -33.82 9.88 0.81
N ASP A 453 -32.96 9.42 1.72
CA ASP A 453 -33.19 9.61 3.15
C ASP A 453 -33.40 11.08 3.50
N ASP A 454 -32.44 11.91 3.09
CA ASP A 454 -32.51 13.34 3.34
C ASP A 454 -33.81 13.94 2.80
N TYR A 455 -34.19 13.50 1.60
CA TYR A 455 -35.44 13.91 0.99
C TYR A 455 -36.65 13.60 1.88
N ASN A 456 -36.76 12.33 2.29
CA ASN A 456 -37.85 11.91 3.15
C ASN A 456 -37.94 12.72 4.45
N GLU A 457 -36.79 12.97 5.06
CA GLU A 457 -36.73 13.78 6.27
C GLU A 457 -37.28 15.18 5.99
N THR A 458 -36.82 15.77 4.89
CA THR A 458 -37.31 17.08 4.46
C THR A 458 -38.84 17.11 4.30
N VAL A 459 -39.39 16.10 3.64
CA VAL A 459 -40.84 16.01 3.45
C VAL A 459 -41.58 15.92 4.79
N HIS A 460 -41.06 15.10 5.70
CA HIS A 460 -41.59 15.02 7.07
C HIS A 460 -41.68 16.41 7.70
N LYS A 461 -40.59 17.17 7.56
CA LYS A 461 -40.55 18.54 8.07
C LYS A 461 -41.61 19.42 7.43
N LYS A 462 -41.64 19.43 6.10
CA LYS A 462 -42.56 20.27 5.32
C LYS A 462 -44.03 20.02 5.66
N THR A 463 -44.40 18.75 5.78
CA THR A 463 -45.76 18.40 6.18
C THR A 463 -46.02 18.83 7.63
N GLU A 464 -45.03 18.61 8.48
CA GLU A 464 -45.11 19.02 9.88
C GLU A 464 -45.42 20.51 10.03
N VAL A 465 -44.86 21.33 9.14
CA VAL A 465 -45.16 22.76 9.17
C VAL A 465 -46.45 23.09 8.41
N VAL A 466 -46.83 22.22 7.48
CA VAL A 466 -48.05 22.43 6.72
C VAL A 466 -49.29 22.26 7.59
N ILE A 467 -49.23 21.35 8.55
CA ILE A 467 -50.38 21.17 9.44
C ILE A 467 -50.49 22.36 10.39
N THR A 468 -49.34 22.97 10.68
CA THR A 468 -49.29 24.17 11.51
C THR A 468 -49.93 25.35 10.78
N LEU A 469 -49.50 25.58 9.54
CA LEU A 469 -50.09 26.61 8.71
C LEU A 469 -51.59 26.40 8.58
N ASP A 470 -51.97 25.15 8.33
CA ASP A 470 -53.37 24.79 8.15
C ASP A 470 -54.21 25.12 9.38
N PHE A 471 -53.79 24.62 10.54
CA PHE A 471 -54.51 24.92 11.78
C PHE A 471 -54.56 26.40 12.09
N CYS A 472 -53.47 27.13 11.83
CA CYS A 472 -53.47 28.58 12.01
C CYS A 472 -54.56 29.25 11.17
N ILE A 473 -54.53 28.98 9.87
CA ILE A 473 -55.47 29.60 8.93
C ILE A 473 -56.92 29.27 9.24
N ARG A 474 -57.21 27.99 9.38
CA ARG A 474 -58.60 27.62 9.64
C ARG A 474 -59.06 28.02 11.05
N ASN A 475 -58.12 28.23 11.97
CA ASN A 475 -58.49 28.75 13.28
C ASN A 475 -58.84 30.23 13.23
N ILE A 476 -58.04 31.01 12.51
CA ILE A 476 -58.35 32.43 12.36
C ILE A 476 -59.68 32.59 11.61
N GLU A 477 -59.91 31.74 10.61
CA GLU A 477 -61.20 31.74 9.91
C GLU A 477 -62.34 31.36 10.86
N LYS A 478 -62.08 30.38 11.72
CA LYS A 478 -63.06 29.94 12.71
C LYS A 478 -63.47 31.09 13.62
N THR A 479 -62.48 31.78 14.17
CA THR A 479 -62.71 32.90 15.09
C THR A 479 -63.44 34.05 14.40
N VAL A 480 -62.92 34.45 13.24
CA VAL A 480 -63.52 35.54 12.46
C VAL A 480 -64.97 35.22 12.11
N LYS A 481 -65.25 33.96 11.81
CA LYS A 481 -66.62 33.54 11.50
C LYS A 481 -67.53 33.57 12.72
N VAL A 482 -67.09 32.97 13.82
CA VAL A 482 -67.91 32.92 15.03
C VAL A 482 -67.99 34.28 15.73
N TYR A 483 -67.29 35.27 15.20
CA TYR A 483 -67.42 36.64 15.71
C TYR A 483 -68.22 37.54 14.77
N GLU A 484 -68.12 37.29 13.47
CA GLU A 484 -68.88 38.05 12.49
C GLU A 484 -70.36 37.69 12.54
N LYS A 485 -70.69 36.62 13.25
CA LYS A 485 -72.08 36.18 13.41
C LYS A 485 -72.63 36.49 14.81
N LEU A 486 -71.80 36.28 15.83
CA LEU A 486 -72.17 36.65 17.19
C LEU A 486 -72.28 38.16 17.31
N MET A 487 -71.20 38.78 17.78
CA MET A 487 -71.12 40.23 17.78
C MET A 487 -70.86 40.71 16.35
N LYS A 488 -71.94 40.81 15.57
CA LYS A 488 -71.89 41.15 14.15
C LYS A 488 -70.95 42.32 13.81
N VAL A 489 -70.75 43.20 14.78
CA VAL A 489 -69.96 44.43 14.59
C VAL A 489 -68.54 44.19 14.09
N ASN A 490 -67.89 45.28 13.69
CA ASN A 490 -66.53 45.24 13.18
C ASN A 490 -65.52 45.36 14.31
N GLU A 495 -62.58 45.44 13.50
CA GLU A 495 -61.17 45.45 13.14
C GLU A 495 -60.84 44.29 12.20
N LEU A 496 -61.44 44.32 11.02
CA LEU A 496 -61.16 43.31 10.01
C LEU A 496 -59.78 43.52 9.40
N GLY A 497 -59.25 44.73 9.52
CA GLY A 497 -57.94 45.06 8.96
C GLY A 497 -56.81 44.20 9.47
N GLU A 498 -56.69 44.08 10.79
CA GLU A 498 -55.63 43.30 11.42
C GLU A 498 -55.67 41.83 11.01
N ILE A 499 -56.81 41.19 11.30
CA ILE A 499 -56.99 39.78 11.00
C ILE A 499 -56.85 39.47 9.52
N SER A 500 -57.35 40.36 8.66
CA SER A 500 -57.19 40.18 7.22
C SER A 500 -55.73 40.29 6.83
N ASP A 501 -55.00 41.19 7.49
CA ASP A 501 -53.58 41.34 7.23
C ASP A 501 -52.81 40.06 7.56
N ILE A 502 -52.97 39.57 8.78
CA ILE A 502 -52.24 38.36 9.20
C ILE A 502 -52.70 37.10 8.45
N HIS A 503 -53.98 37.07 8.08
CA HIS A 503 -54.53 35.98 7.27
C HIS A 503 -53.85 36.00 5.90
N THR A 504 -53.77 37.19 5.33
CA THR A 504 -53.11 37.40 4.04
C THR A 504 -51.64 36.94 4.13
N LYS A 505 -51.00 37.24 5.25
CA LYS A 505 -49.62 36.80 5.47
C LYS A 505 -49.50 35.26 5.47
N LEU A 506 -50.36 34.60 6.23
CA LEU A 506 -50.40 33.15 6.26
C LEU A 506 -50.63 32.55 4.87
N LEU A 507 -51.48 33.19 4.08
CA LEU A 507 -51.72 32.71 2.72
C LEU A 507 -50.48 32.90 1.84
N ARG A 508 -49.81 34.05 2.02
CA ARG A 508 -48.59 34.36 1.29
C ARG A 508 -47.52 33.31 1.61
N LEU A 509 -47.59 32.76 2.82
CA LEU A 509 -46.72 31.64 3.20
C LEU A 509 -47.16 30.34 2.53
N SER A 510 -48.46 30.09 2.50
CA SER A 510 -49.02 28.90 1.87
C SER A 510 -48.61 28.78 0.40
N SER A 511 -48.52 29.92 -0.29
CA SER A 511 -48.07 29.93 -1.68
C SER A 511 -46.67 29.33 -1.80
N SER A 512 -45.76 29.86 -1.00
CA SER A 512 -44.38 29.38 -0.93
C SER A 512 -44.36 27.87 -0.63
N GLN A 513 -45.22 27.46 0.31
CA GLN A 513 -45.36 26.05 0.63
C GLN A 513 -45.72 25.21 -0.60
N GLY A 514 -46.63 25.73 -1.41
CA GLY A 514 -47.02 25.05 -2.64
C GLY A 514 -45.84 24.92 -3.60
N THR A 515 -45.14 26.04 -3.78
CA THR A 515 -43.92 26.07 -4.60
C THR A 515 -42.94 24.96 -4.21
N ILE A 516 -42.62 24.89 -2.92
CA ILE A 516 -41.72 23.87 -2.43
C ILE A 516 -42.33 22.48 -2.62
N GLU A 517 -43.64 22.37 -2.46
CA GLU A 517 -44.32 21.08 -2.58
C GLU A 517 -44.25 20.52 -4.01
N SER A 518 -44.21 21.40 -5.00
CA SER A 518 -44.07 20.96 -6.39
C SER A 518 -42.61 20.72 -6.77
N SER A 519 -41.75 21.68 -6.41
CA SER A 519 -40.32 21.58 -6.67
C SER A 519 -39.73 20.28 -6.07
N LEU A 520 -40.25 19.90 -4.90
CA LEU A 520 -39.86 18.65 -4.26
C LEU A 520 -40.29 17.43 -5.07
N GLN A 521 -41.51 17.43 -5.59
CA GLN A 521 -41.97 16.31 -6.42
C GLN A 521 -41.12 16.18 -7.68
N ASP A 522 -40.62 17.31 -8.15
CA ASP A 522 -39.66 17.33 -9.25
C ASP A 522 -38.36 16.62 -8.83
N ILE A 523 -37.75 17.12 -7.75
CA ILE A 523 -36.51 16.55 -7.19
C ILE A 523 -36.62 15.06 -6.91
N SER A 524 -37.82 14.63 -6.51
CA SER A 524 -38.07 13.23 -6.18
C SER A 524 -38.26 12.40 -7.44
N SER A 525 -38.84 13.04 -8.45
CA SER A 525 -39.03 12.38 -9.73
C SER A 525 -37.70 12.03 -10.36
N ARG A 526 -36.69 12.88 -10.17
CA ARG A 526 -35.38 12.56 -10.72
C ARG A 526 -34.50 11.69 -9.81
N LEU A 527 -35.11 11.10 -8.78
CA LEU A 527 -34.42 10.09 -7.95
C LEU A 527 -35.09 8.73 -8.15
N SER A 528 -36.24 8.73 -8.83
CA SER A 528 -36.92 7.49 -9.22
C SER A 528 -36.06 6.76 -10.26
N PRO A 529 -36.39 5.49 -10.57
CA PRO A 529 -35.67 4.79 -11.64
C PRO A 529 -35.65 5.60 -12.94
N GLY A 530 -36.83 5.80 -13.54
CA GLY A 530 -37.04 6.61 -14.72
C GLY A 530 -35.83 7.14 -15.49
N GLY A 531 -35.07 8.02 -14.86
CA GLY A 531 -33.87 8.57 -15.48
C GLY A 531 -33.30 9.80 -14.81
N LEU A 532 -32.69 10.67 -15.61
CA LEU A 532 -32.05 11.90 -15.14
C LEU A 532 -30.85 11.65 -14.22
N LEU A 533 -31.10 11.10 -13.04
CA LEU A 533 -30.02 10.78 -12.11
C LEU A 533 -30.00 9.31 -11.68
N ALA A 534 -30.49 8.43 -12.55
CA ALA A 534 -30.44 7.00 -12.29
C ALA A 534 -28.99 6.52 -12.35
N ASP A 535 -28.67 5.48 -11.59
CA ASP A 535 -27.30 4.98 -11.54
C ASP A 535 -27.05 3.90 -12.58
N THR A 536 -27.97 3.79 -13.54
CA THR A 536 -27.89 2.74 -14.56
C THR A 536 -26.63 2.81 -15.43
N TRP A 537 -25.98 3.97 -15.45
CA TRP A 537 -24.72 4.09 -16.19
C TRP A 537 -23.69 3.15 -15.58
N ALA A 538 -23.72 3.02 -14.26
CA ALA A 538 -22.80 2.13 -13.56
C ALA A 538 -23.06 0.66 -13.91
N HIS A 539 -24.20 0.41 -14.56
CA HIS A 539 -24.53 -0.94 -15.01
C HIS A 539 -24.21 -1.12 -16.49
N GLN A 540 -24.05 -0.01 -17.20
CA GLN A 540 -23.79 -0.08 -18.64
C GLN A 540 -22.35 0.27 -18.97
N GLU A 541 -21.71 1.05 -18.09
CA GLU A 541 -20.33 1.46 -18.31
C GLU A 541 -19.36 0.68 -17.43
N GLY A 542 -18.13 0.52 -17.90
CA GLY A 542 -17.08 -0.12 -17.13
C GLY A 542 -17.04 -1.63 -17.23
N THR A 543 -16.20 -2.25 -16.42
CA THR A 543 -16.06 -3.70 -16.42
C THR A 543 -16.61 -4.32 -15.13
N HIS A 544 -17.03 -5.57 -15.21
CA HIS A 544 -17.67 -6.25 -14.09
C HIS A 544 -16.94 -7.53 -13.70
N PRO A 545 -17.21 -8.05 -12.48
CA PRO A 545 -16.65 -9.35 -12.12
C PRO A 545 -17.14 -10.45 -13.06
N ARG A 546 -18.34 -10.30 -13.58
CA ARG A 546 -18.93 -11.29 -14.49
C ARG A 546 -18.17 -11.36 -15.81
N ASP A 547 -17.39 -10.33 -16.11
CA ASP A 547 -16.61 -10.31 -17.34
C ASP A 547 -15.40 -11.23 -17.24
N ARG A 548 -14.93 -11.42 -16.02
CA ARG A 548 -13.82 -12.33 -15.74
C ARG A 548 -12.52 -11.95 -16.47
N ASN A 549 -12.28 -10.65 -16.62
CA ASN A 549 -11.09 -10.17 -17.30
C ASN A 549 -9.82 -10.41 -16.50
N VAL A 550 -9.93 -10.34 -15.18
CA VAL A 550 -8.80 -10.57 -14.30
C VAL A 550 -8.31 -11.99 -14.43
N GLU A 551 -9.24 -12.95 -14.50
CA GLU A 551 -8.86 -14.36 -14.61
C GLU A 551 -8.45 -14.77 -16.03
N LYS A 552 -8.87 -13.99 -17.02
CA LYS A 552 -8.40 -14.17 -18.39
C LYS A 552 -6.94 -13.75 -18.49
N LEU A 553 -6.68 -12.55 -18.01
CA LEU A 553 -5.33 -12.05 -17.86
C LEU A 553 -4.51 -13.05 -17.04
N GLN A 554 -5.17 -13.69 -16.08
CA GLN A 554 -4.51 -14.65 -15.19
C GLN A 554 -4.16 -15.96 -15.91
N VAL A 555 -5.02 -16.37 -16.84
CA VAL A 555 -4.76 -17.56 -17.64
C VAL A 555 -3.54 -17.30 -18.51
N LEU A 556 -3.58 -16.19 -19.23
CA LEU A 556 -2.45 -15.83 -20.09
C LEU A 556 -1.15 -15.69 -19.27
N LEU A 557 -1.26 -15.10 -18.08
CA LEU A 557 -0.12 -14.97 -17.19
C LEU A 557 0.40 -16.33 -16.75
N ASN A 558 -0.50 -17.28 -16.57
CA ASN A 558 -0.07 -18.62 -16.20
C ASN A 558 0.71 -19.32 -17.31
N CYS A 559 0.21 -19.19 -18.53
CA CYS A 559 0.96 -19.70 -19.68
C CYS A 559 2.34 -19.06 -19.73
N ILE A 560 2.38 -17.74 -19.70
CA ILE A 560 3.65 -17.01 -19.75
C ILE A 560 4.62 -17.48 -18.67
N THR A 561 4.12 -17.62 -17.45
CA THR A 561 4.93 -18.07 -16.31
C THR A 561 5.45 -19.50 -16.50
N GLU A 562 4.60 -20.37 -17.04
CA GLU A 562 5.00 -21.73 -17.40
C GLU A 562 6.22 -21.66 -18.30
N ILE A 563 6.08 -20.92 -19.40
CA ILE A 563 7.18 -20.75 -20.35
C ILE A 563 8.43 -20.13 -19.69
N TYR A 564 8.23 -19.22 -18.76
CA TYR A 564 9.35 -18.62 -18.04
C TYR A 564 10.13 -19.64 -17.21
N TYR A 565 9.43 -20.45 -16.43
CA TYR A 565 10.09 -21.46 -15.61
C TYR A 565 10.83 -22.47 -16.48
N GLN A 566 10.18 -22.83 -17.58
CA GLN A 566 10.80 -23.75 -18.54
C GLN A 566 12.08 -23.17 -19.14
N PHE A 567 12.05 -21.87 -19.48
CA PHE A 567 13.23 -21.20 -20.02
C PHE A 567 14.32 -21.07 -18.96
N LYS A 568 13.90 -21.01 -17.71
CA LYS A 568 14.84 -20.91 -16.59
C LYS A 568 15.61 -22.23 -16.47
N LYS A 569 14.87 -23.33 -16.45
CA LYS A 569 15.52 -24.64 -16.38
C LYS A 569 16.35 -24.91 -17.64
N ASP A 570 15.91 -24.37 -18.77
CA ASP A 570 16.69 -24.45 -20.01
C ASP A 570 18.00 -23.71 -19.87
N LYS A 571 17.96 -22.54 -19.22
CA LYS A 571 19.17 -21.78 -18.96
C LYS A 571 20.11 -22.58 -18.07
N ALA A 572 19.57 -23.22 -17.05
CA ALA A 572 20.39 -24.01 -16.14
C ALA A 572 20.98 -25.25 -16.83
N GLU A 573 20.34 -25.65 -17.92
CA GLU A 573 20.82 -26.78 -18.73
C GLU A 573 22.02 -26.39 -19.60
N ARG A 574 22.36 -25.11 -19.60
CA ARG A 574 23.46 -24.55 -20.41
C ARG A 574 23.24 -24.63 -21.92
N ARG A 575 23.00 -25.84 -22.44
CA ARG A 575 22.61 -26.01 -23.83
C ARG A 575 21.67 -27.20 -24.01
N LEU A 576 20.83 -27.13 -25.03
CA LEU A 576 19.75 -28.09 -25.20
C LEU A 576 20.01 -29.13 -26.28
N ALA A 577 19.14 -30.14 -26.33
CA ALA A 577 19.14 -31.09 -27.43
C ALA A 577 18.46 -30.44 -28.62
N TYR A 578 18.37 -31.17 -29.73
CA TYR A 578 17.74 -30.66 -30.94
C TYR A 578 16.26 -30.33 -30.74
N ASN A 579 15.47 -31.36 -30.50
CA ASN A 579 14.03 -31.20 -30.30
C ASN A 579 13.74 -30.23 -29.16
N GLU A 580 14.56 -30.31 -28.11
CA GLU A 580 14.46 -29.41 -26.98
C GLU A 580 14.60 -27.96 -27.41
N GLU A 581 15.59 -27.71 -28.25
CA GLU A 581 15.85 -26.37 -28.76
C GLU A 581 14.69 -25.85 -29.60
N GLN A 582 14.25 -26.66 -30.56
CA GLN A 582 13.10 -26.29 -31.39
C GLN A 582 11.86 -25.95 -30.53
N ILE A 583 11.63 -26.77 -29.51
CA ILE A 583 10.53 -26.56 -28.58
C ILE A 583 10.70 -25.23 -27.84
N HIS A 584 11.94 -24.92 -27.50
CA HIS A 584 12.26 -23.67 -26.84
C HIS A 584 11.87 -22.48 -27.71
N LYS A 585 12.22 -22.53 -28.99
CA LYS A 585 11.88 -21.45 -29.90
C LYS A 585 10.37 -21.31 -30.10
N PHE A 586 9.71 -22.43 -30.38
CA PHE A 586 8.26 -22.46 -30.50
C PHE A 586 7.61 -21.80 -29.29
N ASP A 587 8.07 -22.20 -28.10
CA ASP A 587 7.54 -21.66 -26.86
C ASP A 587 7.84 -20.17 -26.71
N LYS A 588 8.97 -19.72 -27.25
CA LYS A 588 9.27 -18.30 -27.19
C LYS A 588 8.23 -17.51 -27.96
N GLN A 589 7.99 -17.90 -29.21
CA GLN A 589 6.97 -17.18 -29.98
C GLN A 589 5.57 -17.30 -29.35
N LYS A 590 5.27 -18.47 -28.80
CA LYS A 590 4.03 -18.65 -28.05
C LYS A 590 3.94 -17.66 -26.90
N LEU A 591 5.07 -17.42 -26.24
CA LEU A 591 5.13 -16.47 -25.14
C LEU A 591 4.82 -15.06 -25.67
N TYR A 592 5.43 -14.71 -26.80
CA TYR A 592 5.10 -13.45 -27.47
C TYR A 592 3.59 -13.28 -27.67
N TYR A 593 2.95 -14.30 -28.24
CA TYR A 593 1.52 -14.20 -28.52
C TYR A 593 0.69 -14.07 -27.25
N HIS A 594 1.00 -14.88 -26.24
CA HIS A 594 0.33 -14.79 -24.94
C HIS A 594 0.43 -13.39 -24.34
N ALA A 595 1.65 -12.87 -24.27
CA ALA A 595 1.89 -11.54 -23.70
C ALA A 595 1.16 -10.44 -24.45
N THR A 596 1.35 -10.40 -25.77
CA THR A 596 0.75 -9.36 -26.60
C THR A 596 -0.77 -9.40 -26.51
N LYS A 597 -1.31 -10.62 -26.48
CA LYS A 597 -2.75 -10.80 -26.35
C LYS A 597 -3.23 -10.24 -25.02
N ALA A 598 -2.52 -10.59 -23.96
CA ALA A 598 -2.86 -10.15 -22.62
C ALA A 598 -2.90 -8.63 -22.50
N MET A 599 -1.87 -7.97 -23.03
CA MET A 599 -1.78 -6.52 -22.95
C MET A 599 -2.80 -5.83 -23.85
N SER A 600 -3.10 -6.44 -24.98
CA SER A 600 -4.13 -5.89 -25.84
C SER A 600 -5.48 -5.98 -25.15
N HIS A 601 -5.67 -7.04 -24.37
CA HIS A 601 -6.90 -7.18 -23.62
C HIS A 601 -6.95 -6.16 -22.47
N PHE A 602 -5.81 -5.95 -21.83
CA PHE A 602 -5.71 -4.94 -20.78
C PHE A 602 -6.10 -3.55 -21.31
N SER A 603 -5.43 -3.12 -22.38
CA SER A 603 -5.73 -1.80 -22.96
C SER A 603 -7.13 -1.70 -23.53
N GLU A 604 -7.44 -2.55 -24.52
CA GLU A 604 -8.67 -2.40 -25.27
C GLU A 604 -9.93 -2.85 -24.51
N GLU A 605 -9.76 -3.53 -23.39
CA GLU A 605 -10.93 -4.01 -22.64
C GLU A 605 -11.02 -3.49 -21.21
N CYS A 606 -9.89 -3.41 -20.51
CA CYS A 606 -9.93 -2.98 -19.11
C CYS A 606 -9.90 -1.45 -18.99
N VAL A 607 -8.78 -0.86 -19.41
CA VAL A 607 -8.58 0.57 -19.25
C VAL A 607 -9.65 1.41 -19.97
N ARG A 608 -10.02 0.99 -21.17
CA ARG A 608 -11.01 1.72 -21.97
C ARG A 608 -12.36 1.85 -21.24
N LYS A 609 -12.97 0.71 -20.96
CA LYS A 609 -14.25 0.67 -20.26
C LYS A 609 -14.16 1.31 -18.88
N TYR A 610 -13.02 1.11 -18.21
CA TYR A 610 -12.77 1.77 -16.94
C TYR A 610 -12.88 3.27 -17.04
N GLU A 611 -12.22 3.84 -18.05
CA GLU A 611 -12.18 5.28 -18.21
C GLU A 611 -13.54 5.83 -18.64
N ALA A 612 -14.26 5.05 -19.43
CA ALA A 612 -15.65 5.40 -19.76
C ALA A 612 -16.47 5.53 -18.47
N PHE A 613 -16.34 4.52 -17.61
CA PHE A 613 -17.03 4.50 -16.33
C PHE A 613 -16.67 5.73 -15.51
N LYS A 614 -15.38 6.00 -15.39
CA LYS A 614 -14.86 7.15 -14.64
C LYS A 614 -15.45 8.48 -15.14
N ASP A 615 -15.43 8.66 -16.46
CA ASP A 615 -16.01 9.85 -17.08
C ASP A 615 -17.49 10.02 -16.74
N LYS A 616 -18.27 8.95 -16.91
CA LYS A 616 -19.69 8.99 -16.54
C LYS A 616 -19.86 9.34 -15.06
N SER A 617 -18.96 8.81 -14.23
CA SER A 617 -19.01 9.03 -12.79
C SER A 617 -18.81 10.50 -12.46
N GLU A 618 -17.93 11.16 -13.20
CA GLU A 618 -17.78 12.62 -13.05
C GLU A 618 -19.06 13.32 -13.49
N GLU A 619 -19.51 12.99 -14.70
CA GLU A 619 -20.72 13.56 -15.29
C GLU A 619 -22.00 13.01 -14.65
N TRP A 620 -21.87 12.49 -13.44
CA TRP A 620 -23.01 12.12 -12.62
C TRP A 620 -22.82 12.73 -11.24
N MET A 621 -21.56 12.85 -10.84
CA MET A 621 -21.20 13.48 -9.57
C MET A 621 -21.62 14.94 -9.60
N ARG A 622 -21.42 15.59 -10.74
CA ARG A 622 -21.83 16.99 -10.87
C ARG A 622 -23.36 17.14 -10.68
N LYS A 623 -24.12 16.30 -11.38
CA LYS A 623 -25.57 16.25 -11.26
C LYS A 623 -26.00 16.08 -9.82
N MET A 624 -25.50 15.02 -9.19
CA MET A 624 -25.89 14.71 -7.81
C MET A 624 -25.57 15.85 -6.86
N LEU A 625 -24.38 16.44 -6.98
CA LEU A 625 -24.02 17.54 -6.10
C LEU A 625 -24.93 18.74 -6.29
N HIS A 626 -25.32 18.98 -7.55
CA HIS A 626 -26.25 20.06 -7.87
C HIS A 626 -27.60 19.84 -7.18
N LEU A 627 -28.17 18.66 -7.37
CA LEU A 627 -29.43 18.28 -6.74
C LEU A 627 -29.33 18.42 -5.23
N ARG A 628 -28.19 18.04 -4.66
CA ARG A 628 -27.98 18.15 -3.23
C ARG A 628 -28.03 19.61 -2.78
N LYS A 629 -27.37 20.48 -3.53
CA LYS A 629 -27.41 21.91 -3.25
C LYS A 629 -28.85 22.41 -3.25
N GLN A 630 -29.63 22.00 -4.24
CA GLN A 630 -31.04 22.37 -4.31
C GLN A 630 -31.82 21.92 -3.06
N LEU A 631 -31.71 20.63 -2.76
CA LEU A 631 -32.41 20.04 -1.63
C LEU A 631 -32.07 20.72 -0.32
N LEU A 632 -30.81 21.09 -0.15
CA LEU A 632 -30.39 21.83 1.05
C LEU A 632 -31.06 23.19 1.05
N SER A 633 -31.04 23.85 -0.11
CA SER A 633 -31.65 25.17 -0.25
C SER A 633 -33.10 25.18 0.22
N LEU A 634 -33.91 24.28 -0.32
CA LEU A 634 -35.33 24.28 0.06
C LEU A 634 -35.63 23.63 1.41
N THR A 635 -34.69 22.84 1.94
CA THR A 635 -34.80 22.40 3.32
C THR A 635 -34.67 23.63 4.23
N ASN A 636 -33.66 24.45 3.96
CA ASN A 636 -33.48 25.71 4.68
C ASN A 636 -34.70 26.61 4.50
N GLN A 637 -35.29 26.57 3.32
CA GLN A 637 -36.56 27.24 3.08
C GLN A 637 -37.64 26.75 4.06
N CYS A 638 -37.76 25.43 4.20
CA CYS A 638 -38.74 24.86 5.12
C CYS A 638 -38.50 25.31 6.56
N PHE A 639 -37.25 25.35 6.98
CA PHE A 639 -36.93 25.85 8.32
C PHE A 639 -37.37 27.31 8.48
N ASP A 640 -36.99 28.13 7.52
CA ASP A 640 -37.39 29.53 7.49
C ASP A 640 -38.90 29.69 7.66
N ILE A 641 -39.65 28.95 6.85
CA ILE A 641 -41.11 29.00 6.93
C ILE A 641 -41.58 28.60 8.32
N GLU A 642 -41.03 27.50 8.85
CA GLU A 642 -41.41 27.03 10.18
C GLU A 642 -41.26 28.12 11.24
N GLU A 643 -40.09 28.73 11.32
CA GLU A 643 -39.88 29.75 12.35
C GLU A 643 -40.68 31.02 12.09
N GLU A 644 -41.00 31.27 10.82
CA GLU A 644 -41.83 32.42 10.47
C GLU A 644 -43.29 32.20 10.89
N VAL A 645 -43.73 30.95 10.87
CA VAL A 645 -45.10 30.59 11.26
C VAL A 645 -45.20 30.50 12.77
N SER A 646 -44.09 30.15 13.42
CA SER A 646 -44.05 30.09 14.88
C SER A 646 -44.36 31.43 15.54
N LYS A 647 -44.27 32.51 14.76
CA LYS A 647 -44.56 33.86 15.25
C LYS A 647 -46.05 34.17 15.26
N TYR A 648 -46.88 33.18 14.93
CA TYR A 648 -48.31 33.41 14.78
C TYR A 648 -49.19 32.51 15.66
N GLN A 649 -48.59 31.86 16.65
CA GLN A 649 -49.34 30.93 17.49
C GLN A 649 -50.03 31.61 18.67
N ASP A 650 -49.41 32.66 19.21
CA ASP A 650 -49.99 33.37 20.34
C ASP A 650 -49.95 34.88 20.13
N TYR A 651 -50.53 35.34 19.03
CA TYR A 651 -50.54 36.77 18.73
C TYR A 651 -51.38 37.51 19.77
N THR A 652 -50.93 38.70 20.15
CA THR A 652 -51.59 39.48 21.20
C THR A 652 -52.98 39.95 20.78
N ASN A 653 -53.83 40.21 21.76
CA ASN A 653 -55.15 40.78 21.49
C ASN A 653 -55.30 42.13 22.17
N GLU A 654 -56.37 42.84 21.83
CA GLU A 654 -56.63 44.14 22.45
C GLU A 654 -57.03 43.97 23.91
N LEU A 655 -56.67 44.95 24.73
CA LEU A 655 -57.06 44.96 26.13
C LEU A 655 -58.55 45.28 26.24
N GLN A 656 -59.25 44.56 27.12
CA GLN A 656 -60.69 44.74 27.29
C GLN A 656 -61.04 45.53 28.55
N GLU A 657 -62.31 45.50 28.92
CA GLU A 657 -62.79 46.18 30.11
C GLU A 657 -63.26 45.18 31.16
C1 SU6 B . 16.56 -19.99 -3.19
N1 SU6 B . 17.61 -21.86 2.48
O1 SU6 B . 16.27 -21.09 -3.73
C2 SU6 B . 16.99 -19.97 -1.75
N2 SU6 B . 18.71 -21.28 6.81
O2 SU6 B . 16.49 -18.92 -3.85
C3 SU6 B . 17.36 -21.29 -1.15
O3 SU6 B . 17.46 -22.27 5.06
C4 SU6 B . 17.71 -21.38 0.31
C5 SU6 B . 16.96 -21.97 1.32
C6 SU6 B . 15.63 -22.63 1.12
C7 SU6 B . 18.85 -20.90 0.94
C8 SU6 B . 19.99 -20.19 0.28
C9 SU6 B . 18.76 -21.21 2.29
C10 SU6 B . 19.82 -20.86 3.29
C11 SU6 B . 19.53 -20.91 4.77
C12 SU6 B . 18.52 -21.53 5.52
C13 SU6 B . 20.36 -20.29 5.74
C14 SU6 B . 19.82 -20.53 6.98
C15 SU6 B . 20.44 -20.02 8.13
C16 SU6 B . 21.60 -19.26 8.02
C17 SU6 B . 22.14 -19.01 6.77
C18 SU6 B . 21.54 -19.52 5.63
#